data_6DK2
#
_entry.id   6DK2
#
_cell.length_a   101.703
_cell.length_b   140.269
_cell.length_c   186.630
_cell.angle_alpha   90.000
_cell.angle_beta   90.000
_cell.angle_gamma   90.000
#
_symmetry.space_group_name_H-M   'P 21 21 21'
#
loop_
_entity.id
_entity.type
_entity.pdbx_description
1 polymer SusD
2 non-polymer 'SULFATE ION'
3 non-polymer 1,2-ETHANEDIOL
4 non-polymer 'CHLORIDE ION'
5 water water
#
_entity_poly.entity_id   1
_entity_poly.type   'polypeptide(L)'
_entity_poly.pdbx_seq_one_letter_code
;SADHVNPSSQLSYAELQIYGDMNYVDVHRLYTYAFTQHLMGCWNTTNYGGQHRMDDNEMSRPWNNLYPGAMRNLTDAIEA
TKDDGTQVNVYAALRIFRVYVGALLTDYYGDIPFTEAGLGYITGNSKPKYDKQEDLYRFFFSELKEAAGLFDINAKAITS
DPLFGGNIAEWITFANSLRLRYAMRLSDVLPDLAKTEFVAALEDGVMVSGTDDACIKHMNVSYSFGQEAYRDIRGNAMAK
YFYGNDPANNPSYLCQTFWEQLYKNNDPRTTRLCRFYIDDFMSISTGDGRIDVTDAVLATQAANPSADVIYMIAPGEFSW
DNWPSYTDILGSPLATQIAEIQAAHPDYNPGSNPRWLMPKLAGNFLRSDNPGILMTYAEVCFLRAEAAVLGWTADNAKDF
YESGIRAAMDLLATYYGCSVVTDAEFAAYIAETSVAFGAVAEQQKSQINTQAWILHFHNPAEAWANVRRADYPKLQAPNT
KNPLIDGADIPVRLCYPIKEETYSKDAYQEAKDRVGDYSWHARLWWDVK
;
_entity_poly.pdbx_strand_id   A,B
#
# COMPACT_ATOMS: atom_id res chain seq x y z
N VAL A 5 2.15 -39.66 -9.78
CA VAL A 5 0.91 -38.83 -9.67
C VAL A 5 0.03 -39.06 -10.90
N ASN A 6 -1.28 -39.01 -10.70
CA ASN A 6 -2.27 -39.26 -11.72
C ASN A 6 -2.23 -38.12 -12.74
N PRO A 7 -2.00 -38.38 -14.05
CA PRO A 7 -1.89 -37.32 -15.04
C PRO A 7 -3.13 -36.40 -15.10
N SER A 8 -4.31 -36.97 -14.91
CA SER A 8 -5.58 -36.21 -14.92
C SER A 8 -5.63 -35.22 -13.75
N SER A 9 -5.03 -35.61 -12.61
CA SER A 9 -4.99 -34.75 -11.44
CA SER A 9 -4.97 -34.75 -11.43
C SER A 9 -4.10 -33.53 -11.69
N GLN A 10 -3.03 -33.74 -12.48
CA GLN A 10 -2.11 -32.65 -12.86
C GLN A 10 -2.82 -31.70 -13.85
N LEU A 11 -3.61 -32.26 -14.76
CA LEU A 11 -4.46 -31.47 -15.65
C LEU A 11 -5.41 -30.61 -14.80
N SER A 12 -6.08 -31.25 -13.83
CA SER A 12 -7.03 -30.59 -12.95
C SER A 12 -6.38 -29.44 -12.19
N TYR A 13 -5.19 -29.68 -11.63
CA TYR A 13 -4.47 -28.65 -10.90
C TYR A 13 -4.28 -27.42 -11.80
N ALA A 14 -3.77 -27.65 -13.02
CA ALA A 14 -3.47 -26.58 -13.96
C ALA A 14 -4.73 -25.77 -14.28
N GLU A 15 -5.85 -26.47 -14.47
CA GLU A 15 -7.14 -25.86 -14.78
C GLU A 15 -7.61 -24.98 -13.61
N LEU A 16 -7.56 -25.56 -12.41
CA LEU A 16 -8.09 -24.89 -11.22
C LEU A 16 -7.23 -23.69 -10.84
N GLN A 17 -5.93 -23.70 -11.21
CA GLN A 17 -5.02 -22.63 -10.84
C GLN A 17 -5.45 -21.28 -11.44
N ILE A 18 -6.03 -21.30 -12.66
CA ILE A 18 -6.20 -20.10 -13.46
C ILE A 18 -7.02 -19.05 -12.70
N TYR A 19 -8.13 -19.45 -12.07
CA TYR A 19 -8.94 -18.54 -11.23
C TYR A 19 -8.91 -18.95 -9.75
N GLY A 20 -8.31 -20.10 -9.42
CA GLY A 20 -8.33 -20.65 -8.07
C GLY A 20 -7.16 -20.22 -7.19
N ASP A 21 -6.05 -19.82 -7.82
CA ASP A 21 -4.80 -19.52 -7.12
C ASP A 21 -4.78 -18.04 -6.69
N MET A 22 -4.88 -17.79 -5.39
CA MET A 22 -4.86 -16.44 -4.83
C MET A 22 -3.60 -15.69 -5.27
N ASN A 23 -2.46 -16.39 -5.27
CA ASN A 23 -1.15 -15.81 -5.56
C ASN A 23 -1.09 -15.29 -7.00
N TYR A 24 -1.88 -15.90 -7.90
CA TYR A 24 -1.90 -15.50 -9.31
C TYR A 24 -2.91 -14.35 -9.53
N VAL A 25 -4.16 -14.56 -9.14
CA VAL A 25 -5.30 -13.74 -9.62
C VAL A 25 -5.22 -12.30 -9.09
N ASP A 26 -4.45 -12.05 -8.02
CA ASP A 26 -4.34 -10.69 -7.50
C ASP A 26 -3.73 -9.76 -8.55
N VAL A 27 -2.99 -10.31 -9.54
CA VAL A 27 -2.44 -9.50 -10.61
C VAL A 27 -3.56 -8.74 -11.34
N HIS A 28 -4.77 -9.34 -11.40
CA HIS A 28 -5.91 -8.75 -12.10
C HIS A 28 -6.51 -7.59 -11.29
N ARG A 29 -6.61 -7.75 -9.97
CA ARG A 29 -7.10 -6.68 -9.09
C ARG A 29 -6.11 -5.49 -9.09
N LEU A 30 -4.81 -5.79 -9.03
CA LEU A 30 -3.77 -4.75 -8.92
C LEU A 30 -3.54 -4.07 -10.28
N TYR A 31 -3.46 -4.83 -11.37
CA TYR A 31 -3.04 -4.29 -12.68
C TYR A 31 -4.13 -4.43 -13.74
N THR A 32 -4.50 -5.67 -14.09
CA THR A 32 -5.24 -5.93 -15.33
C THR A 32 -6.52 -5.08 -15.40
N TYR A 33 -7.33 -5.12 -14.34
CA TYR A 33 -8.65 -4.49 -14.36
C TYR A 33 -8.55 -2.96 -14.32
N ALA A 34 -7.40 -2.44 -13.84
CA ALA A 34 -7.11 -1.01 -13.93
C ALA A 34 -6.81 -0.63 -15.39
N PHE A 35 -5.96 -1.43 -16.05
CA PHE A 35 -5.53 -1.19 -17.42
C PHE A 35 -6.73 -1.29 -18.39
N THR A 36 -7.68 -2.19 -18.11
CA THR A 36 -8.87 -2.37 -18.95
C THR A 36 -9.98 -1.39 -18.55
N GLN A 37 -9.82 -0.73 -17.39
CA GLN A 37 -10.74 0.29 -16.88
C GLN A 37 -12.14 -0.29 -16.62
N HIS A 38 -12.19 -1.55 -16.17
CA HIS A 38 -13.41 -2.14 -15.61
C HIS A 38 -13.59 -1.74 -14.14
N LEU A 39 -12.49 -1.76 -13.37
CA LEU A 39 -12.51 -1.46 -11.92
C LEU A 39 -11.54 -0.33 -11.61
N MET A 40 -11.90 0.50 -10.63
CA MET A 40 -11.07 1.58 -10.12
C MET A 40 -11.67 2.08 -8.80
N GLY A 41 -10.81 2.46 -7.84
CA GLY A 41 -11.27 3.07 -6.58
C GLY A 41 -10.77 2.31 -5.36
N CYS A 42 -10.89 0.98 -5.40
CA CYS A 42 -10.21 0.09 -4.46
C CYS A 42 -8.73 0.47 -4.40
N TRP A 43 -8.18 0.60 -3.19
CA TRP A 43 -6.83 1.07 -3.00
C TRP A 43 -5.86 0.22 -3.83
N ASN A 44 -6.06 -1.10 -3.80
CA ASN A 44 -5.14 -2.05 -4.41
C ASN A 44 -5.10 -1.86 -5.93
N THR A 45 -6.27 -1.55 -6.52
CA THR A 45 -6.40 -1.37 -7.96
C THR A 45 -5.77 -0.03 -8.37
N THR A 46 -6.15 1.05 -7.69
CA THR A 46 -5.73 2.40 -8.06
C THR A 46 -4.22 2.60 -7.82
N ASN A 47 -3.73 2.09 -6.68
CA ASN A 47 -2.35 2.35 -6.25
C ASN A 47 -1.34 1.75 -7.23
N TYR A 48 -1.68 0.61 -7.83
CA TYR A 48 -0.77 -0.10 -8.73
C TYR A 48 -1.09 0.26 -10.19
N GLY A 49 -2.11 -0.40 -10.77
CA GLY A 49 -2.47 -0.16 -12.16
C GLY A 49 -2.93 1.27 -12.40
N GLY A 50 -3.67 1.84 -11.44
CA GLY A 50 -4.26 3.17 -11.59
C GLY A 50 -3.24 4.29 -11.57
N GLN A 51 -2.07 4.05 -10.93
CA GLN A 51 -0.99 5.04 -10.85
C GLN A 51 0.21 4.62 -11.71
N HIS A 52 0.04 3.61 -12.56
CA HIS A 52 1.14 3.12 -13.40
C HIS A 52 2.38 2.87 -12.54
N ARG A 53 2.21 2.08 -11.48
CA ARG A 53 3.26 1.85 -10.49
C ARG A 53 3.84 0.44 -10.70
N MET A 54 5.08 0.38 -11.21
CA MET A 54 5.83 -0.85 -11.34
C MET A 54 6.12 -1.38 -9.92
N ASP A 55 5.85 -2.67 -9.72
CA ASP A 55 6.27 -3.41 -8.55
C ASP A 55 6.67 -4.81 -9.00
N ASP A 56 7.95 -5.15 -8.81
CA ASP A 56 8.54 -6.38 -9.34
C ASP A 56 7.74 -7.60 -8.88
N ASN A 57 7.48 -7.67 -7.56
CA ASN A 57 6.78 -8.79 -6.96
C ASN A 57 5.40 -8.98 -7.59
N GLU A 58 4.67 -7.87 -7.80
CA GLU A 58 3.27 -7.93 -8.29
C GLU A 58 3.25 -8.25 -9.79
N MET A 59 4.15 -7.64 -10.55
CA MET A 59 4.24 -7.83 -12.02
C MET A 59 4.67 -9.27 -12.33
N SER A 60 5.39 -9.90 -11.39
CA SER A 60 5.94 -11.24 -11.54
C SER A 60 4.92 -12.33 -11.17
N ARG A 61 3.72 -11.94 -10.73
CA ARG A 61 2.78 -12.92 -10.16
C ARG A 61 2.47 -14.02 -11.17
N PRO A 62 2.11 -13.71 -12.44
CA PRO A 62 1.87 -14.75 -13.43
C PRO A 62 3.09 -15.68 -13.60
N TRP A 63 4.27 -15.09 -13.79
CA TRP A 63 5.53 -15.81 -13.96
C TRP A 63 5.76 -16.76 -12.79
N ASN A 64 5.70 -16.23 -11.57
CA ASN A 64 6.14 -16.93 -10.36
C ASN A 64 5.13 -17.99 -9.93
N ASN A 65 3.92 -17.99 -10.49
CA ASN A 65 2.88 -18.94 -10.07
C ASN A 65 2.53 -19.90 -11.22
N LEU A 66 2.40 -19.38 -12.45
CA LEU A 66 1.97 -20.22 -13.57
C LEU A 66 3.08 -21.20 -13.99
N TYR A 67 4.36 -20.82 -13.81
CA TYR A 67 5.49 -21.69 -14.21
C TYR A 67 5.63 -22.86 -13.25
N PRO A 68 5.85 -22.66 -11.92
CA PRO A 68 5.99 -23.78 -11.00
C PRO A 68 4.68 -24.53 -10.72
N GLY A 69 3.54 -23.88 -11.01
CA GLY A 69 2.22 -24.51 -10.91
C GLY A 69 1.81 -25.21 -12.20
N ALA A 70 0.94 -24.53 -12.97
CA ALA A 70 0.31 -25.10 -14.17
C ALA A 70 1.34 -25.69 -15.13
N MET A 71 2.36 -24.91 -15.49
CA MET A 71 3.28 -25.30 -16.58
C MET A 71 4.09 -26.54 -16.18
N ARG A 72 4.58 -26.56 -14.93
CA ARG A 72 5.34 -27.69 -14.38
C ARG A 72 4.44 -28.94 -14.34
N ASN A 73 3.21 -28.78 -13.87
CA ASN A 73 2.26 -29.89 -13.73
C ASN A 73 1.97 -30.50 -15.11
N LEU A 74 1.72 -29.62 -16.10
CA LEU A 74 1.38 -30.06 -17.44
C LEU A 74 2.59 -30.77 -18.09
N THR A 75 3.78 -30.17 -17.96
CA THR A 75 4.98 -30.70 -18.60
C THR A 75 5.34 -32.07 -18.00
N ASP A 76 5.18 -32.22 -16.68
CA ASP A 76 5.43 -33.47 -15.98
C ASP A 76 4.47 -34.57 -16.47
N ALA A 77 3.18 -34.22 -16.55
CA ALA A 77 2.14 -35.17 -16.94
C ALA A 77 2.30 -35.59 -18.41
N ILE A 78 2.71 -34.62 -19.25
CA ILE A 78 2.98 -34.87 -20.68
C ILE A 78 4.12 -35.87 -20.82
N GLU A 79 5.20 -35.65 -20.05
CA GLU A 79 6.37 -36.53 -20.05
C GLU A 79 5.95 -37.96 -19.65
N ALA A 80 5.04 -38.07 -18.68
CA ALA A 80 4.64 -39.36 -18.12
C ALA A 80 3.70 -40.13 -19.08
N THR A 81 3.01 -39.44 -19.99
CA THR A 81 1.97 -40.08 -20.81
C THR A 81 2.34 -40.13 -22.31
N LYS A 82 3.48 -39.56 -22.70
CA LYS A 82 3.77 -39.30 -24.12
C LYS A 82 3.93 -40.61 -24.92
N ASP A 83 4.34 -41.70 -24.26
CA ASP A 83 4.65 -42.96 -24.94
C ASP A 83 3.63 -44.05 -24.61
N ASP A 84 2.52 -43.66 -23.95
CA ASP A 84 1.52 -44.61 -23.49
C ASP A 84 0.25 -44.48 -24.36
N GLY A 85 0.09 -45.41 -25.30
CA GLY A 85 -1.06 -45.45 -26.21
C GLY A 85 -2.41 -45.43 -25.50
N THR A 86 -2.48 -46.00 -24.29
CA THR A 86 -3.74 -46.09 -23.53
C THR A 86 -4.11 -44.73 -22.92
N GLN A 87 -3.19 -43.76 -22.92
CA GLN A 87 -3.40 -42.48 -22.23
C GLN A 87 -3.39 -41.29 -23.20
N VAL A 88 -3.71 -41.53 -24.48
CA VAL A 88 -3.65 -40.48 -25.51
C VAL A 88 -4.67 -39.36 -25.22
N ASN A 89 -5.78 -39.69 -24.55
CA ASN A 89 -6.83 -38.68 -24.31
C ASN A 89 -6.32 -37.62 -23.31
N VAL A 90 -5.76 -38.07 -22.19
CA VAL A 90 -5.21 -37.13 -21.20
C VAL A 90 -3.99 -36.40 -21.81
N TYR A 91 -3.18 -37.13 -22.57
CA TYR A 91 -2.00 -36.60 -23.27
C TYR A 91 -2.40 -35.40 -24.14
N ALA A 92 -3.43 -35.59 -24.98
CA ALA A 92 -3.90 -34.58 -25.91
C ALA A 92 -4.43 -33.36 -25.15
N ALA A 93 -5.26 -33.59 -24.12
CA ALA A 93 -5.83 -32.52 -23.31
C ALA A 93 -4.71 -31.71 -22.63
N LEU A 94 -3.69 -32.40 -22.09
CA LEU A 94 -2.57 -31.74 -21.43
C LEU A 94 -1.84 -30.80 -22.40
N ARG A 95 -1.64 -31.27 -23.65
CA ARG A 95 -0.92 -30.51 -24.66
C ARG A 95 -1.73 -29.24 -25.04
N ILE A 96 -3.05 -29.39 -25.15
CA ILE A 96 -3.94 -28.27 -25.46
C ILE A 96 -3.87 -27.24 -24.31
N PHE A 97 -3.93 -27.71 -23.06
CA PHE A 97 -3.96 -26.77 -21.93
C PHE A 97 -2.60 -26.06 -21.76
N ARG A 98 -1.50 -26.74 -22.12
N ARG A 98 -1.51 -26.75 -22.13
CA ARG A 98 -0.17 -26.12 -22.02
CA ARG A 98 -0.17 -26.17 -22.06
C ARG A 98 -0.07 -24.96 -23.03
C ARG A 98 -0.06 -24.99 -23.04
N VAL A 99 -0.71 -25.12 -24.20
CA VAL A 99 -0.80 -24.04 -25.18
C VAL A 99 -1.61 -22.88 -24.56
N TYR A 100 -2.75 -23.20 -23.94
CA TYR A 100 -3.61 -22.17 -23.34
C TYR A 100 -2.80 -21.34 -22.35
N VAL A 101 -2.05 -22.00 -21.46
CA VAL A 101 -1.31 -21.32 -20.40
C VAL A 101 -0.12 -20.57 -21.00
N GLY A 102 0.56 -21.19 -21.97
CA GLY A 102 1.65 -20.57 -22.71
C GLY A 102 1.23 -19.24 -23.34
N ALA A 103 0.04 -19.24 -23.93
CA ALA A 103 -0.52 -18.04 -24.59
C ALA A 103 -0.77 -16.94 -23.55
N LEU A 104 -1.30 -17.30 -22.37
CA LEU A 104 -1.47 -16.33 -21.27
C LEU A 104 -0.12 -15.67 -20.97
N LEU A 105 0.92 -16.49 -20.81
CA LEU A 105 2.23 -16.01 -20.36
C LEU A 105 2.86 -15.08 -21.40
N THR A 106 2.80 -15.44 -22.69
CA THR A 106 3.39 -14.59 -23.73
C THR A 106 2.59 -13.28 -23.86
N ASP A 107 1.28 -13.33 -23.62
CA ASP A 107 0.42 -12.14 -23.71
C ASP A 107 0.69 -11.17 -22.54
N TYR A 108 1.30 -11.65 -21.46
CA TYR A 108 1.81 -10.80 -20.37
C TYR A 108 3.21 -10.26 -20.69
N TYR A 109 4.14 -11.16 -21.07
CA TYR A 109 5.59 -10.87 -20.99
C TYR A 109 6.28 -10.77 -22.36
N GLY A 110 5.67 -11.31 -23.41
CA GLY A 110 6.29 -11.37 -24.74
C GLY A 110 7.09 -12.65 -24.92
N ASP A 111 8.37 -12.52 -25.29
CA ASP A 111 9.25 -13.67 -25.42
C ASP A 111 9.36 -14.31 -24.02
N ILE A 112 9.22 -15.64 -23.97
CA ILE A 112 9.17 -16.37 -22.69
C ILE A 112 9.82 -17.73 -22.82
N PRO A 113 10.32 -18.31 -21.70
CA PRO A 113 10.62 -19.74 -21.65
C PRO A 113 9.34 -20.54 -21.91
N PHE A 114 9.43 -21.56 -22.76
CA PHE A 114 8.28 -22.40 -23.07
C PHE A 114 8.75 -23.80 -23.47
N THR A 115 9.57 -23.87 -24.53
CA THR A 115 10.10 -25.14 -25.03
C THR A 115 10.85 -25.88 -23.90
N GLU A 116 11.69 -25.15 -23.16
CA GLU A 116 12.59 -25.74 -22.15
C GLU A 116 12.04 -25.52 -20.73
N ALA A 117 10.85 -24.94 -20.60
CA ALA A 117 10.21 -24.69 -19.30
C ALA A 117 9.81 -26.03 -18.65
N GLY A 118 10.37 -26.30 -17.46
CA GLY A 118 10.05 -27.48 -16.64
C GLY A 118 10.37 -28.79 -17.37
N PRO A 128 19.53 -21.68 -22.22
CA PRO A 128 18.13 -21.86 -22.64
C PRO A 128 17.42 -20.51 -22.86
N LYS A 129 17.39 -20.05 -24.12
CA LYS A 129 16.85 -18.74 -24.48
C LYS A 129 15.33 -18.73 -24.31
N TYR A 130 14.75 -17.53 -24.26
CA TYR A 130 13.32 -17.36 -24.31
C TYR A 130 12.85 -17.62 -25.75
N ASP A 131 11.73 -18.33 -25.91
CA ASP A 131 11.09 -18.50 -27.22
C ASP A 131 10.52 -17.15 -27.68
N LYS A 132 10.69 -16.84 -28.97
CA LYS A 132 10.15 -15.61 -29.57
C LYS A 132 8.63 -15.72 -29.64
N GLN A 133 7.92 -14.62 -29.37
CA GLN A 133 6.46 -14.61 -29.38
C GLN A 133 5.92 -15.07 -30.74
N GLU A 134 6.57 -14.64 -31.83
CA GLU A 134 6.13 -15.03 -33.18
C GLU A 134 6.19 -16.56 -33.32
N ASP A 135 7.30 -17.17 -32.88
CA ASP A 135 7.50 -18.60 -32.98
C ASP A 135 6.45 -19.33 -32.13
N LEU A 136 6.13 -18.79 -30.95
CA LEU A 136 5.15 -19.40 -30.06
C LEU A 136 3.77 -19.44 -30.73
N TYR A 137 3.34 -18.29 -31.28
CA TYR A 137 2.02 -18.21 -31.90
C TYR A 137 1.95 -19.15 -33.11
N ARG A 138 3.02 -19.22 -33.91
CA ARG A 138 3.06 -20.13 -35.05
C ARG A 138 2.92 -21.58 -34.54
N PHE A 139 3.62 -21.89 -33.45
CA PHE A 139 3.56 -23.22 -32.81
C PHE A 139 2.15 -23.54 -32.30
N PHE A 140 1.46 -22.54 -31.69
CA PHE A 140 0.13 -22.77 -31.12
C PHE A 140 -0.81 -23.39 -32.16
N PHE A 141 -0.79 -22.85 -33.38
CA PHE A 141 -1.67 -23.33 -34.45
C PHE A 141 -1.40 -24.82 -34.75
N SER A 142 -0.13 -25.16 -34.98
CA SER A 142 0.23 -26.53 -35.38
C SER A 142 0.05 -27.50 -34.21
N GLU A 143 0.36 -27.04 -32.99
CA GLU A 143 0.25 -27.87 -31.78
C GLU A 143 -1.22 -28.18 -31.47
N LEU A 144 -2.10 -27.18 -31.58
CA LEU A 144 -3.52 -27.38 -31.31
C LEU A 144 -4.15 -28.30 -32.35
N LYS A 145 -3.76 -28.15 -33.63
CA LYS A 145 -4.21 -29.06 -34.69
C LYS A 145 -3.80 -30.50 -34.37
N GLU A 146 -2.52 -30.69 -34.03
CA GLU A 146 -1.95 -32.02 -33.81
C GLU A 146 -2.61 -32.69 -32.59
N ALA A 147 -2.68 -31.96 -31.48
CA ALA A 147 -3.21 -32.51 -30.22
C ALA A 147 -4.68 -32.93 -30.40
N ALA A 148 -5.46 -32.09 -31.09
CA ALA A 148 -6.89 -32.35 -31.30
C ALA A 148 -7.11 -33.68 -32.06
N GLY A 149 -6.14 -34.05 -32.91
CA GLY A 149 -6.22 -35.27 -33.71
C GLY A 149 -5.76 -36.52 -32.97
N LEU A 150 -5.27 -36.39 -31.74
CA LEU A 150 -4.69 -37.52 -30.98
C LEU A 150 -5.77 -38.21 -30.12
N PHE A 151 -6.88 -37.53 -29.85
CA PHE A 151 -7.97 -38.12 -29.05
C PHE A 151 -8.47 -39.39 -29.74
N ASP A 152 -8.88 -40.37 -28.93
CA ASP A 152 -9.26 -41.70 -29.43
C ASP A 152 -10.27 -42.33 -28.46
N ILE A 153 -11.39 -42.79 -29.02
CA ILE A 153 -12.46 -43.46 -28.28
C ILE A 153 -11.91 -44.75 -27.65
N ASN A 154 -10.92 -45.36 -28.31
CA ASN A 154 -10.26 -46.58 -27.85
C ASN A 154 -9.02 -46.24 -27.01
N ALA A 155 -9.25 -45.53 -25.90
CA ALA A 155 -8.21 -45.20 -24.92
C ALA A 155 -8.89 -44.80 -23.62
N LYS A 156 -8.09 -44.66 -22.55
CA LYS A 156 -8.61 -44.41 -21.20
C LYS A 156 -9.26 -43.02 -21.14
N ALA A 157 -10.25 -42.90 -20.27
CA ALA A 157 -10.95 -41.64 -20.02
C ALA A 157 -10.02 -40.66 -19.29
N ILE A 158 -10.29 -39.36 -19.49
CA ILE A 158 -9.78 -38.30 -18.63
C ILE A 158 -10.62 -38.34 -17.35
N THR A 159 -9.99 -38.68 -16.22
CA THR A 159 -10.70 -39.09 -15.00
C THR A 159 -10.98 -37.90 -14.09
N SER A 160 -10.33 -36.76 -14.35
CA SER A 160 -10.48 -35.56 -13.56
C SER A 160 -10.32 -34.35 -14.48
N ASP A 161 -11.34 -33.49 -14.55
CA ASP A 161 -11.38 -32.44 -15.57
C ASP A 161 -12.51 -31.45 -15.26
N PRO A 162 -12.27 -30.44 -14.40
CA PRO A 162 -13.27 -29.41 -14.14
C PRO A 162 -13.67 -28.52 -15.34
N LEU A 163 -12.97 -28.62 -16.47
CA LEU A 163 -13.31 -27.84 -17.69
C LEU A 163 -14.44 -28.51 -18.46
N PHE A 164 -14.22 -29.75 -18.93
CA PHE A 164 -15.19 -30.44 -19.81
C PHE A 164 -15.63 -31.82 -19.28
N GLY A 165 -15.21 -32.19 -18.06
CA GLY A 165 -15.59 -33.47 -17.47
C GLY A 165 -15.19 -34.66 -18.35
N GLY A 166 -14.10 -34.49 -19.10
CA GLY A 166 -13.52 -35.55 -19.93
C GLY A 166 -14.23 -35.73 -21.26
N ASN A 167 -15.08 -34.76 -21.65
CA ASN A 167 -15.79 -34.78 -22.94
C ASN A 167 -14.78 -34.43 -24.05
N ILE A 168 -14.37 -35.46 -24.78
CA ILE A 168 -13.36 -35.38 -25.83
C ILE A 168 -13.79 -34.40 -26.94
N ALA A 169 -15.06 -34.49 -27.35
CA ALA A 169 -15.60 -33.65 -28.43
C ALA A 169 -15.42 -32.17 -28.08
N GLU A 170 -15.68 -31.82 -26.82
CA GLU A 170 -15.61 -30.44 -26.35
C GLU A 170 -14.13 -29.96 -26.30
N TRP A 171 -13.21 -30.86 -25.94
CA TRP A 171 -11.77 -30.54 -25.97
C TRP A 171 -11.32 -30.18 -27.40
N ILE A 172 -11.79 -30.94 -28.38
CA ILE A 172 -11.44 -30.70 -29.78
C ILE A 172 -11.96 -29.31 -30.19
N THR A 173 -13.23 -29.05 -29.88
CA THR A 173 -13.89 -27.78 -30.21
C THR A 173 -13.15 -26.61 -29.55
N PHE A 174 -12.67 -26.82 -28.32
CA PHE A 174 -11.92 -25.80 -27.57
C PHE A 174 -10.60 -25.47 -28.28
N ALA A 175 -9.84 -26.51 -28.64
CA ALA A 175 -8.57 -26.34 -29.34
C ALA A 175 -8.78 -25.56 -30.65
N ASN A 176 -9.83 -25.94 -31.39
CA ASN A 176 -10.18 -25.29 -32.66
C ASN A 176 -10.50 -23.80 -32.41
N SER A 177 -11.26 -23.54 -31.33
CA SER A 177 -11.72 -22.19 -31.01
C SER A 177 -10.57 -21.31 -30.53
N LEU A 178 -9.59 -21.87 -29.81
CA LEU A 178 -8.40 -21.10 -29.40
C LEU A 178 -7.65 -20.65 -30.67
N ARG A 179 -7.56 -21.52 -31.68
CA ARG A 179 -6.91 -21.17 -32.94
C ARG A 179 -7.60 -19.93 -33.53
N LEU A 180 -8.93 -19.86 -33.42
CA LEU A 180 -9.72 -18.74 -33.93
C LEU A 180 -9.32 -17.44 -33.22
N ARG A 181 -9.19 -17.51 -31.88
CA ARG A 181 -8.78 -16.37 -31.06
C ARG A 181 -7.37 -15.92 -31.48
N TYR A 182 -6.43 -16.87 -31.56
CA TYR A 182 -5.02 -16.54 -31.87
C TYR A 182 -4.90 -15.96 -33.28
N ALA A 183 -5.71 -16.45 -34.22
CA ALA A 183 -5.72 -15.93 -35.59
C ALA A 183 -6.12 -14.44 -35.58
N MET A 184 -7.20 -14.09 -34.90
CA MET A 184 -7.65 -12.68 -34.83
C MET A 184 -6.60 -11.82 -34.09
N ARG A 185 -5.91 -12.41 -33.11
CA ARG A 185 -4.84 -11.70 -32.38
C ARG A 185 -3.75 -11.25 -33.36
N LEU A 186 -3.44 -12.09 -34.36
CA LEU A 186 -2.36 -11.84 -35.31
C LEU A 186 -2.85 -11.05 -36.54
N SER A 187 -4.08 -10.54 -36.50
CA SER A 187 -4.74 -9.92 -37.68
C SER A 187 -3.97 -8.69 -38.19
N ASP A 188 -3.30 -7.96 -37.29
CA ASP A 188 -2.52 -6.77 -37.67
C ASP A 188 -1.08 -7.18 -38.08
N VAL A 189 -0.45 -8.06 -37.29
CA VAL A 189 1.00 -8.29 -37.42
C VAL A 189 1.29 -9.25 -38.58
N LEU A 190 0.43 -10.27 -38.79
CA LEU A 190 0.57 -11.22 -39.93
C LEU A 190 -0.79 -11.44 -40.58
N PRO A 191 -1.32 -10.46 -41.33
CA PRO A 191 -2.68 -10.56 -41.87
C PRO A 191 -2.98 -11.81 -42.70
N ASP A 192 -2.05 -12.22 -43.57
CA ASP A 192 -2.23 -13.36 -44.47
C ASP A 192 -2.32 -14.67 -43.67
N LEU A 193 -1.36 -14.90 -42.78
CA LEU A 193 -1.39 -16.09 -41.91
C LEU A 193 -2.66 -16.07 -41.06
N ALA A 194 -2.98 -14.90 -40.49
CA ALA A 194 -4.14 -14.75 -39.62
C ALA A 194 -5.40 -15.23 -40.35
N LYS A 195 -5.62 -14.74 -41.57
CA LYS A 195 -6.80 -15.13 -42.35
C LYS A 195 -6.80 -16.65 -42.59
N THR A 196 -5.65 -17.18 -43.02
CA THR A 196 -5.52 -18.60 -43.34
C THR A 196 -5.92 -19.45 -42.12
N GLU A 197 -5.37 -19.09 -40.95
CA GLU A 197 -5.60 -19.88 -39.73
C GLU A 197 -7.05 -19.72 -39.27
N PHE A 198 -7.62 -18.53 -39.47
CA PHE A 198 -8.99 -18.26 -39.07
C PHE A 198 -9.95 -19.18 -39.84
N VAL A 199 -9.75 -19.22 -41.16
CA VAL A 199 -10.60 -20.00 -42.07
C VAL A 199 -10.44 -21.49 -41.74
N ALA A 200 -9.21 -21.93 -41.47
CA ALA A 200 -8.92 -23.33 -41.13
C ALA A 200 -9.64 -23.72 -39.83
N ALA A 201 -9.64 -22.82 -38.84
CA ALA A 201 -10.30 -23.10 -37.57
C ALA A 201 -11.82 -23.28 -37.78
N LEU A 202 -12.43 -22.39 -38.56
CA LEU A 202 -13.87 -22.48 -38.85
C LEU A 202 -14.18 -23.81 -39.55
N GLU A 203 -13.32 -24.20 -40.48
CA GLU A 203 -13.50 -25.45 -41.26
C GLU A 203 -13.48 -26.65 -40.30
N ASP A 204 -12.60 -26.62 -39.30
CA ASP A 204 -12.42 -27.77 -38.39
C ASP A 204 -13.61 -27.84 -37.41
N GLY A 205 -14.20 -26.69 -37.06
CA GLY A 205 -15.39 -26.63 -36.20
C GLY A 205 -15.09 -25.93 -34.88
N VAL A 206 -15.65 -24.73 -34.70
CA VAL A 206 -15.49 -23.95 -33.47
C VAL A 206 -16.79 -24.01 -32.66
N MET A 207 -16.82 -23.35 -31.51
CA MET A 207 -18.02 -23.34 -30.65
C MET A 207 -19.21 -22.82 -31.46
N VAL A 208 -20.35 -23.55 -31.39
CA VAL A 208 -21.58 -23.20 -32.14
C VAL A 208 -22.71 -22.82 -31.19
N SER A 209 -22.54 -23.03 -29.88
CA SER A 209 -23.52 -22.56 -28.90
C SER A 209 -22.86 -22.51 -27.52
N GLY A 210 -23.63 -22.04 -26.53
CA GLY A 210 -23.19 -21.92 -25.14
C GLY A 210 -22.80 -23.26 -24.54
N THR A 211 -23.39 -24.34 -25.05
CA THR A 211 -23.07 -25.73 -24.68
C THR A 211 -21.57 -26.02 -24.83
N ASP A 212 -20.91 -25.32 -25.75
CA ASP A 212 -19.48 -25.55 -26.06
C ASP A 212 -18.56 -24.61 -25.26
N ASP A 213 -19.11 -23.72 -24.43
CA ASP A 213 -18.32 -22.78 -23.62
C ASP A 213 -17.23 -23.53 -22.85
N ALA A 214 -16.06 -22.88 -22.72
CA ALA A 214 -14.95 -23.38 -21.94
C ALA A 214 -14.87 -22.61 -20.61
N CYS A 215 -15.47 -23.17 -19.56
CA CYS A 215 -15.54 -22.57 -18.23
C CYS A 215 -15.16 -23.60 -17.17
N ILE A 216 -14.20 -23.25 -16.30
CA ILE A 216 -13.74 -24.11 -15.20
C ILE A 216 -14.79 -24.08 -14.09
N LYS A 217 -15.22 -25.26 -13.63
CA LYS A 217 -16.13 -25.39 -12.49
C LYS A 217 -15.32 -25.22 -11.19
N HIS A 218 -15.75 -24.27 -10.36
CA HIS A 218 -15.15 -24.01 -9.04
C HIS A 218 -16.16 -24.34 -7.93
N MET A 219 -15.60 -24.68 -6.77
CA MET A 219 -16.33 -25.17 -5.61
C MET A 219 -16.70 -23.99 -4.71
N ASN A 220 -17.85 -24.11 -4.03
CA ASN A 220 -18.27 -23.19 -2.99
C ASN A 220 -17.40 -23.45 -1.75
N VAL A 221 -16.51 -22.50 -1.42
CA VAL A 221 -15.67 -22.56 -0.22
C VAL A 221 -15.88 -21.26 0.56
N SER A 222 -15.68 -21.32 1.88
CA SER A 222 -15.76 -20.16 2.75
C SER A 222 -14.67 -19.16 2.39
N TYR A 223 -15.02 -17.86 2.43
CA TYR A 223 -14.05 -16.78 2.37
C TYR A 223 -13.01 -16.99 3.48
N SER A 224 -11.74 -17.15 3.10
CA SER A 224 -10.64 -17.15 4.04
C SER A 224 -9.41 -16.53 3.37
N PHE A 225 -8.68 -15.69 4.12
CA PHE A 225 -7.45 -15.08 3.65
C PHE A 225 -6.28 -15.50 4.53
N GLY A 226 -6.48 -16.53 5.37
CA GLY A 226 -5.42 -17.14 6.16
C GLY A 226 -4.40 -17.84 5.28
N GLN A 227 -3.30 -18.26 5.89
CA GLN A 227 -2.15 -18.84 5.18
C GLN A 227 -2.55 -20.13 4.45
N GLU A 228 -3.47 -20.90 5.05
CA GLU A 228 -3.93 -22.19 4.51
C GLU A 228 -4.78 -21.97 3.25
N ALA A 229 -5.53 -20.85 3.20
CA ALA A 229 -6.41 -20.53 2.06
C ALA A 229 -5.57 -20.37 0.78
N TYR A 230 -4.35 -19.83 0.91
CA TYR A 230 -3.46 -19.57 -0.22
C TYR A 230 -3.05 -20.87 -0.92
N ARG A 231 -3.08 -21.99 -0.19
CA ARG A 231 -2.74 -23.31 -0.74
C ARG A 231 -3.94 -23.94 -1.48
N ASP A 232 -5.14 -23.39 -1.29
CA ASP A 232 -6.38 -23.98 -1.76
C ASP A 232 -6.79 -23.31 -3.08
N ILE A 233 -7.04 -24.12 -4.12
CA ILE A 233 -7.44 -23.60 -5.46
C ILE A 233 -8.81 -24.15 -5.88
N ARG A 234 -9.56 -24.76 -4.95
CA ARG A 234 -10.86 -25.36 -5.27
C ARG A 234 -11.87 -24.26 -5.63
N GLY A 235 -11.85 -23.16 -4.88
CA GLY A 235 -12.79 -22.05 -5.06
C GLY A 235 -12.22 -21.00 -6.01
N ASN A 236 -13.12 -20.14 -6.52
CA ASN A 236 -12.73 -19.04 -7.38
C ASN A 236 -12.13 -17.92 -6.51
N ALA A 237 -10.80 -17.77 -6.61
CA ALA A 237 -10.06 -16.78 -5.82
C ALA A 237 -10.25 -15.37 -6.38
N MET A 238 -10.52 -15.24 -7.69
CA MET A 238 -10.78 -13.92 -8.28
C MET A 238 -12.03 -13.31 -7.63
N ALA A 239 -13.11 -14.11 -7.54
CA ALA A 239 -14.35 -13.69 -6.89
C ALA A 239 -14.10 -13.33 -5.41
N LYS A 240 -13.23 -14.11 -4.74
CA LYS A 240 -12.90 -13.86 -3.34
C LYS A 240 -12.20 -12.50 -3.20
N TYR A 241 -11.28 -12.18 -4.12
CA TYR A 241 -10.59 -10.90 -4.09
C TYR A 241 -11.55 -9.76 -4.43
N PHE A 242 -12.55 -10.00 -5.28
CA PHE A 242 -13.56 -8.97 -5.58
C PHE A 242 -14.33 -8.61 -4.30
N TYR A 243 -14.62 -9.63 -3.48
CA TYR A 243 -15.28 -9.45 -2.19
C TYR A 243 -14.33 -8.72 -1.23
N GLY A 244 -13.10 -9.25 -1.14
CA GLY A 244 -12.02 -8.63 -0.36
C GLY A 244 -11.98 -9.16 1.07
N ASN A 245 -10.86 -8.93 1.75
CA ASN A 245 -10.71 -9.35 3.15
C ASN A 245 -11.26 -8.26 4.08
N ASP A 246 -11.63 -7.12 3.49
CA ASP A 246 -12.16 -5.97 4.20
C ASP A 246 -13.33 -5.40 3.40
N PRO A 247 -14.40 -6.19 3.22
CA PRO A 247 -15.51 -5.79 2.33
C PRO A 247 -16.11 -4.43 2.70
N ALA A 248 -16.22 -4.11 3.99
CA ALA A 248 -16.98 -2.93 4.45
C ALA A 248 -16.23 -1.60 4.16
N ASN A 249 -14.95 -1.65 3.77
CA ASN A 249 -14.17 -0.42 3.58
CA ASN A 249 -14.14 -0.43 3.58
C ASN A 249 -13.39 -0.44 2.24
N ASN A 250 -13.12 -1.62 1.63
CA ASN A 250 -12.41 -1.70 0.30
C ASN A 250 -13.11 -2.68 -0.65
N PRO A 251 -14.35 -2.39 -1.09
CA PRO A 251 -15.05 -3.25 -2.06
C PRO A 251 -14.55 -3.02 -3.49
N SER A 252 -15.10 -3.78 -4.43
CA SER A 252 -14.85 -3.60 -5.85
C SER A 252 -15.76 -2.50 -6.41
N TYR A 253 -15.23 -1.28 -6.52
CA TYR A 253 -15.92 -0.19 -7.20
C TYR A 253 -15.69 -0.30 -8.71
N LEU A 254 -16.73 -0.04 -9.51
CA LEU A 254 -16.60 0.03 -10.95
C LEU A 254 -15.89 1.33 -11.35
N CYS A 255 -15.04 1.21 -12.37
CA CYS A 255 -14.43 2.36 -13.03
C CYS A 255 -15.52 3.09 -13.83
N GLN A 256 -15.43 4.42 -13.85
CA GLN A 256 -16.31 5.29 -14.65
C GLN A 256 -16.48 4.75 -16.08
N THR A 257 -15.38 4.31 -16.68
CA THR A 257 -15.39 3.92 -18.10
C THR A 257 -16.43 2.82 -18.33
N PHE A 258 -16.41 1.80 -17.46
CA PHE A 258 -17.28 0.64 -17.55
C PHE A 258 -18.70 1.00 -17.11
N TRP A 259 -18.82 1.72 -15.98
CA TRP A 259 -20.12 2.20 -15.52
C TRP A 259 -20.84 2.95 -16.65
N GLU A 260 -20.16 3.90 -17.29
CA GLU A 260 -20.80 4.77 -18.30
C GLU A 260 -21.14 3.98 -19.56
N GLN A 261 -20.29 3.04 -19.97
CA GLN A 261 -20.58 2.22 -21.13
C GLN A 261 -21.94 1.52 -20.94
N LEU A 262 -22.18 1.02 -19.72
CA LEU A 262 -23.44 0.35 -19.39
C LEU A 262 -24.57 1.38 -19.27
N TYR A 263 -24.41 2.36 -18.36
CA TYR A 263 -25.49 3.24 -17.93
C TYR A 263 -25.93 4.20 -19.05
N LYS A 264 -24.98 4.82 -19.74
CA LYS A 264 -25.32 5.86 -20.73
C LYS A 264 -25.98 5.23 -21.96
N ASN A 265 -25.82 3.92 -22.15
CA ASN A 265 -26.40 3.21 -23.28
C ASN A 265 -27.61 2.37 -22.86
N ASN A 266 -28.13 2.59 -21.64
CA ASN A 266 -29.32 1.88 -21.16
C ASN A 266 -29.12 0.37 -21.34
N ASP A 267 -27.91 -0.09 -21.04
CA ASP A 267 -27.58 -1.50 -21.14
C ASP A 267 -28.39 -2.24 -20.06
N PRO A 268 -29.19 -3.28 -20.42
CA PRO A 268 -29.89 -4.08 -19.41
C PRO A 268 -28.94 -4.78 -18.42
N ARG A 269 -27.66 -4.90 -18.77
CA ARG A 269 -26.66 -5.48 -17.88
C ARG A 269 -26.28 -4.50 -16.75
N THR A 270 -26.68 -3.23 -16.84
CA THR A 270 -26.33 -2.22 -15.83
C THR A 270 -26.63 -2.74 -14.42
N THR A 271 -27.87 -3.22 -14.20
CA THR A 271 -28.33 -3.64 -12.88
C THR A 271 -28.05 -5.13 -12.63
N ARG A 272 -27.50 -5.84 -13.63
CA ARG A 272 -27.01 -7.22 -13.44
C ARG A 272 -25.57 -7.20 -12.92
N LEU A 273 -24.73 -6.36 -13.53
CA LEU A 273 -23.29 -6.28 -13.22
C LEU A 273 -23.02 -5.36 -12.02
N CYS A 274 -23.86 -4.34 -11.84
CA CYS A 274 -23.61 -3.23 -10.91
C CYS A 274 -24.75 -3.10 -9.89
N ARG A 275 -24.38 -2.74 -8.66
CA ARG A 275 -25.35 -2.44 -7.62
CA ARG A 275 -25.33 -2.46 -7.60
C ARG A 275 -24.82 -1.26 -6.79
N PHE A 276 -25.74 -0.62 -6.06
CA PHE A 276 -25.41 0.36 -5.05
C PHE A 276 -25.72 -0.26 -3.69
N TYR A 277 -24.69 -0.38 -2.85
CA TYR A 277 -24.79 -1.08 -1.56
C TYR A 277 -24.36 -0.14 -0.43
N ILE A 278 -25.13 -0.14 0.65
CA ILE A 278 -24.71 0.40 1.93
C ILE A 278 -24.21 -0.78 2.77
N ASP A 279 -22.94 -0.73 3.17
CA ASP A 279 -22.21 -1.90 3.67
C ASP A 279 -21.90 -1.80 5.17
N ASP A 280 -22.41 -0.76 5.86
CA ASP A 280 -22.03 -0.48 7.26
C ASP A 280 -22.39 -1.64 8.19
N PHE A 281 -23.44 -2.40 7.88
CA PHE A 281 -24.02 -3.37 8.81
C PHE A 281 -23.83 -4.81 8.33
N MET A 282 -22.96 -5.02 7.33
CA MET A 282 -22.75 -6.34 6.75
C MET A 282 -21.90 -7.20 7.70
N SER A 283 -22.05 -8.52 7.57
CA SER A 283 -21.16 -9.50 8.19
C SER A 283 -19.94 -9.73 7.30
N ILE A 284 -18.74 -9.43 7.83
CA ILE A 284 -17.48 -9.49 7.08
C ILE A 284 -17.22 -10.95 6.65
N SER A 285 -17.58 -11.91 7.51
CA SER A 285 -17.27 -13.32 7.27
C SER A 285 -18.29 -13.95 6.29
N THR A 286 -19.54 -13.49 6.36
CA THR A 286 -20.67 -14.12 5.65
C THR A 286 -20.98 -13.38 4.35
N GLY A 287 -20.81 -12.05 4.35
CA GLY A 287 -21.19 -11.20 3.23
C GLY A 287 -22.67 -10.85 3.24
N ASP A 288 -23.40 -11.33 4.25
CA ASP A 288 -24.81 -11.02 4.42
C ASP A 288 -24.94 -9.62 5.02
N GLY A 289 -26.13 -9.03 4.91
CA GLY A 289 -26.48 -7.78 5.58
C GLY A 289 -26.10 -6.53 4.79
N ARG A 290 -25.66 -6.69 3.54
CA ARG A 290 -25.48 -5.53 2.65
C ARG A 290 -26.86 -5.01 2.26
N ILE A 291 -27.03 -3.68 2.26
CA ILE A 291 -28.32 -3.08 1.94
C ILE A 291 -28.26 -2.56 0.49
N ASP A 292 -29.11 -3.16 -0.36
CA ASP A 292 -29.16 -2.88 -1.78
C ASP A 292 -30.11 -1.71 -2.04
N VAL A 293 -29.54 -0.57 -2.45
CA VAL A 293 -30.29 0.66 -2.72
C VAL A 293 -30.27 0.98 -4.23
N THR A 294 -29.87 0.00 -5.06
CA THR A 294 -29.69 0.19 -6.50
C THR A 294 -30.93 0.83 -7.17
N ASP A 295 -32.10 0.19 -7.01
CA ASP A 295 -33.30 0.59 -7.75
C ASP A 295 -33.69 2.02 -7.36
N ALA A 296 -33.57 2.35 -6.07
CA ALA A 296 -33.92 3.66 -5.54
C ALA A 296 -32.93 4.72 -6.05
N VAL A 297 -31.63 4.38 -6.10
CA VAL A 297 -30.60 5.29 -6.61
C VAL A 297 -30.87 5.59 -8.09
N LEU A 298 -31.06 4.54 -8.91
CA LEU A 298 -31.29 4.74 -10.35
C LEU A 298 -32.57 5.57 -10.60
N ALA A 299 -33.66 5.23 -9.89
CA ALA A 299 -34.95 5.89 -10.08
C ALA A 299 -34.85 7.37 -9.70
N THR A 300 -34.11 7.67 -8.63
CA THR A 300 -33.97 9.03 -8.12
C THR A 300 -33.12 9.86 -9.09
N GLN A 301 -32.03 9.29 -9.61
CA GLN A 301 -31.19 10.01 -10.59
C GLN A 301 -32.00 10.30 -11.86
N ALA A 302 -32.79 9.32 -12.32
CA ALA A 302 -33.57 9.44 -13.56
C ALA A 302 -34.65 10.51 -13.44
N ALA A 303 -35.29 10.57 -12.27
CA ALA A 303 -36.39 11.52 -11.99
C ALA A 303 -35.85 12.94 -11.78
N ASN A 304 -34.57 13.06 -11.42
CA ASN A 304 -33.93 14.34 -11.10
C ASN A 304 -32.60 14.44 -11.84
N PRO A 305 -32.60 14.52 -13.19
CA PRO A 305 -31.37 14.38 -13.97
C PRO A 305 -30.28 15.41 -13.63
N SER A 306 -30.66 16.64 -13.27
CA SER A 306 -29.68 17.69 -12.99
C SER A 306 -29.20 17.63 -11.52
N ALA A 307 -29.78 16.75 -10.70
CA ALA A 307 -29.31 16.54 -9.32
C ALA A 307 -28.10 15.59 -9.34
N ASP A 308 -27.15 15.81 -8.41
CA ASP A 308 -25.99 14.92 -8.26
C ASP A 308 -26.36 13.79 -7.29
N VAL A 309 -26.71 12.63 -7.86
CA VAL A 309 -27.11 11.44 -7.10
C VAL A 309 -26.01 10.37 -7.23
N ILE A 310 -25.77 9.90 -8.47
CA ILE A 310 -24.75 8.89 -8.73
C ILE A 310 -23.40 9.58 -8.91
N TYR A 311 -22.37 9.05 -8.23
CA TYR A 311 -21.00 9.56 -8.33
C TYR A 311 -20.10 8.48 -8.94
N MET A 312 -19.04 8.90 -9.63
CA MET A 312 -18.22 7.99 -10.43
C MET A 312 -16.74 8.14 -10.03
N ILE A 313 -15.97 7.09 -10.33
CA ILE A 313 -14.54 7.02 -10.05
C ILE A 313 -13.79 7.00 -11.39
N ALA A 314 -13.10 8.10 -11.70
CA ALA A 314 -12.36 8.23 -12.95
C ALA A 314 -11.17 7.27 -12.94
N PRO A 315 -10.65 6.85 -14.11
CA PRO A 315 -9.39 6.11 -14.16
C PRO A 315 -8.32 6.90 -13.39
N GLY A 316 -7.65 6.21 -12.45
CA GLY A 316 -6.54 6.76 -11.70
C GLY A 316 -6.95 7.38 -10.37
N GLU A 317 -8.24 7.31 -10.02
CA GLU A 317 -8.75 7.87 -8.76
C GLU A 317 -8.98 6.76 -7.73
N PHE A 318 -8.76 7.10 -6.45
CA PHE A 318 -9.26 6.34 -5.33
C PHE A 318 -10.74 6.70 -5.12
N SER A 319 -11.47 5.86 -4.39
CA SER A 319 -12.89 6.09 -4.07
C SER A 319 -13.09 7.41 -3.30
N TRP A 320 -12.06 7.84 -2.56
CA TRP A 320 -12.15 9.04 -1.72
C TRP A 320 -11.71 10.31 -2.46
N ASP A 321 -11.30 10.18 -3.73
CA ASP A 321 -10.86 11.35 -4.53
C ASP A 321 -12.08 12.19 -4.96
N ASN A 322 -13.18 11.55 -5.37
CA ASN A 322 -14.40 12.24 -5.78
C ASN A 322 -15.46 12.09 -4.67
N TRP A 323 -15.10 12.56 -3.47
CA TRP A 323 -15.89 12.32 -2.27
C TRP A 323 -17.33 12.76 -2.54
N PRO A 324 -18.32 11.85 -2.53
CA PRO A 324 -19.71 12.24 -2.79
C PRO A 324 -20.34 13.08 -1.66
N SER A 325 -21.59 13.46 -1.92
CA SER A 325 -22.42 14.16 -0.99
C SER A 325 -23.84 13.60 -1.13
N TYR A 326 -24.43 13.17 -0.02
CA TYR A 326 -25.83 12.78 -0.03
C TYR A 326 -26.70 14.01 0.24
N THR A 327 -27.57 14.34 -0.71
CA THR A 327 -28.55 15.41 -0.56
C THR A 327 -29.94 14.81 -0.75
N ASP A 328 -30.63 14.64 0.38
CA ASP A 328 -31.96 14.05 0.47
C ASP A 328 -32.92 14.81 -0.45
N ILE A 329 -33.59 14.08 -1.35
CA ILE A 329 -34.54 14.68 -2.29
C ILE A 329 -35.97 14.33 -1.85
N LEU A 330 -36.77 15.37 -1.59
CA LEU A 330 -38.13 15.23 -1.04
C LEU A 330 -38.96 14.30 -1.94
N GLY A 331 -39.57 13.28 -1.32
CA GLY A 331 -40.51 12.39 -1.99
C GLY A 331 -39.84 11.34 -2.88
N SER A 332 -38.50 11.32 -2.94
CA SER A 332 -37.77 10.42 -3.84
C SER A 332 -37.78 8.99 -3.29
N PRO A 333 -37.73 7.94 -4.15
CA PRO A 333 -37.58 6.56 -3.69
C PRO A 333 -36.35 6.32 -2.79
N LEU A 334 -35.26 7.06 -3.04
CA LEU A 334 -34.04 6.94 -2.23
C LEU A 334 -34.28 7.53 -0.83
N ALA A 335 -34.93 8.69 -0.73
CA ALA A 335 -35.25 9.28 0.56
C ALA A 335 -36.07 8.29 1.40
N THR A 336 -37.02 7.61 0.75
CA THR A 336 -37.89 6.64 1.40
C THR A 336 -37.08 5.45 1.93
N GLN A 337 -36.14 4.93 1.13
CA GLN A 337 -35.38 3.76 1.54
C GLN A 337 -34.38 4.15 2.66
N ILE A 338 -33.75 5.31 2.52
CA ILE A 338 -32.82 5.80 3.54
C ILE A 338 -33.56 5.96 4.87
N ALA A 339 -34.79 6.49 4.82
CA ALA A 339 -35.63 6.63 6.02
C ALA A 339 -35.87 5.25 6.67
N GLU A 340 -36.14 4.23 5.85
CA GLU A 340 -36.35 2.86 6.33
C GLU A 340 -35.08 2.33 7.00
N ILE A 341 -33.91 2.61 6.41
CA ILE A 341 -32.64 2.18 6.98
C ILE A 341 -32.43 2.88 8.34
N GLN A 342 -32.73 4.17 8.40
CA GLN A 342 -32.49 4.99 9.61
C GLN A 342 -33.43 4.57 10.74
N ALA A 343 -34.63 4.11 10.40
CA ALA A 343 -35.56 3.56 11.39
C ALA A 343 -34.93 2.31 12.02
N ALA A 344 -34.37 1.43 11.18
CA ALA A 344 -33.78 0.16 11.62
C ALA A 344 -32.43 0.40 12.31
N HIS A 345 -31.73 1.47 11.92
CA HIS A 345 -30.40 1.80 12.43
C HIS A 345 -30.37 3.27 12.84
N PRO A 346 -30.90 3.61 14.05
CA PRO A 346 -31.08 5.02 14.44
C PRO A 346 -29.82 5.90 14.34
N ASP A 347 -28.64 5.31 14.46
CA ASP A 347 -27.39 6.09 14.44
C ASP A 347 -26.82 6.18 13.01
N TYR A 348 -27.49 5.61 12.02
CA TYR A 348 -26.96 5.63 10.66
C TYR A 348 -27.08 7.04 10.05
N ASN A 349 -25.96 7.54 9.52
CA ASN A 349 -25.88 8.82 8.85
C ASN A 349 -25.45 8.60 7.40
N PRO A 350 -26.36 8.76 6.41
CA PRO A 350 -26.02 8.49 5.01
C PRO A 350 -24.95 9.44 4.44
N GLY A 351 -24.76 10.61 5.05
CA GLY A 351 -23.80 11.61 4.56
C GLY A 351 -22.39 11.40 5.11
N SER A 352 -22.22 10.49 6.06
CA SER A 352 -20.96 10.34 6.78
C SER A 352 -19.90 9.66 5.90
N ASN A 353 -20.29 8.55 5.25
CA ASN A 353 -19.45 7.90 4.25
C ASN A 353 -20.31 7.66 3.00
N PRO A 354 -20.53 8.70 2.17
CA PRO A 354 -21.47 8.61 1.06
C PRO A 354 -20.91 7.96 -0.22
N ARG A 355 -19.85 7.15 -0.06
CA ARG A 355 -19.24 6.42 -1.18
C ARG A 355 -20.16 5.29 -1.67
N TRP A 356 -21.26 5.03 -0.94
CA TRP A 356 -22.30 4.08 -1.36
C TRP A 356 -23.03 4.59 -2.60
N LEU A 357 -22.86 5.89 -2.94
CA LEU A 357 -23.42 6.50 -4.15
C LEU A 357 -22.56 6.22 -5.39
N MET A 358 -21.49 5.42 -5.22
CA MET A 358 -20.62 5.00 -6.31
C MET A 358 -20.89 3.52 -6.61
N PRO A 359 -21.03 3.14 -7.90
CA PRO A 359 -21.45 1.79 -8.25
C PRO A 359 -20.39 0.74 -7.89
N LYS A 360 -20.86 -0.40 -7.37
CA LYS A 360 -20.03 -1.52 -6.99
C LYS A 360 -20.43 -2.77 -7.80
N LEU A 361 -19.51 -3.72 -7.85
CA LEU A 361 -19.73 -5.01 -8.49
C LEU A 361 -20.85 -5.75 -7.73
N ALA A 362 -21.81 -6.31 -8.48
CA ALA A 362 -22.95 -7.02 -7.92
C ALA A 362 -22.48 -8.30 -7.21
N GLY A 363 -23.25 -8.70 -6.18
CA GLY A 363 -22.97 -9.86 -5.33
C GLY A 363 -22.82 -11.17 -6.11
N ASN A 364 -23.49 -11.27 -7.26
CA ASN A 364 -23.44 -12.46 -8.13
C ASN A 364 -21.99 -12.80 -8.52
N PHE A 365 -21.12 -11.79 -8.53
CA PHE A 365 -19.74 -11.92 -9.04
C PHE A 365 -18.73 -12.05 -7.89
N LEU A 366 -19.22 -12.25 -6.66
CA LEU A 366 -18.39 -12.34 -5.47
C LEU A 366 -18.47 -13.75 -4.86
N ARG A 367 -18.94 -14.74 -5.63
CA ARG A 367 -19.20 -16.08 -5.11
C ARG A 367 -18.04 -17.02 -5.50
N SER A 368 -17.62 -17.86 -4.54
CA SER A 368 -16.49 -18.74 -4.75
C SER A 368 -16.82 -19.82 -5.81
N ASP A 369 -18.10 -20.08 -6.07
CA ASP A 369 -18.48 -21.09 -7.09
C ASP A 369 -18.70 -20.43 -8.47
N ASN A 370 -18.32 -19.16 -8.63
CA ASN A 370 -18.29 -18.53 -9.95
C ASN A 370 -17.35 -19.31 -10.86
N PRO A 371 -17.67 -19.46 -12.16
CA PRO A 371 -16.81 -20.22 -13.06
C PRO A 371 -15.50 -19.47 -13.36
N GLY A 372 -14.50 -20.22 -13.83
CA GLY A 372 -13.32 -19.65 -14.42
C GLY A 372 -13.44 -19.68 -15.93
N ILE A 373 -13.83 -18.55 -16.52
CA ILE A 373 -14.14 -18.47 -17.95
C ILE A 373 -12.83 -18.39 -18.75
N LEU A 374 -12.65 -19.34 -19.67
CA LEU A 374 -11.49 -19.38 -20.56
C LEU A 374 -11.88 -18.83 -21.94
N MET A 375 -12.96 -19.36 -22.51
CA MET A 375 -13.43 -18.90 -23.82
C MET A 375 -14.90 -19.28 -24.00
N THR A 376 -15.67 -18.39 -24.66
CA THR A 376 -17.12 -18.50 -24.78
C THR A 376 -17.54 -18.47 -26.25
N TYR A 377 -18.72 -19.03 -26.51
CA TYR A 377 -19.41 -18.92 -27.78
C TYR A 377 -19.63 -17.45 -28.13
N ALA A 378 -19.96 -16.61 -27.13
CA ALA A 378 -20.13 -15.17 -27.35
C ALA A 378 -18.90 -14.58 -28.08
N GLU A 379 -17.71 -14.89 -27.57
CA GLU A 379 -16.46 -14.44 -28.17
C GLU A 379 -16.33 -14.96 -29.62
N VAL A 380 -16.66 -16.22 -29.84
CA VAL A 380 -16.58 -16.80 -31.20
C VAL A 380 -17.44 -15.96 -32.16
N CYS A 381 -18.65 -15.57 -31.72
CA CYS A 381 -19.52 -14.71 -32.51
C CYS A 381 -18.83 -13.39 -32.87
N PHE A 382 -18.19 -12.75 -31.88
CA PHE A 382 -17.52 -11.46 -32.09
C PHE A 382 -16.30 -11.64 -33.01
N LEU A 383 -15.57 -12.76 -32.87
CA LEU A 383 -14.43 -13.05 -33.75
C LEU A 383 -14.91 -13.19 -35.21
N ARG A 384 -16.00 -13.94 -35.41
CA ARG A 384 -16.55 -14.18 -36.75
C ARG A 384 -17.09 -12.88 -37.33
N ALA A 385 -17.70 -12.02 -36.49
CA ALA A 385 -18.21 -10.72 -36.92
C ALA A 385 -17.05 -9.87 -37.45
N GLU A 386 -15.96 -9.77 -36.67
CA GLU A 386 -14.82 -8.94 -37.06
C GLU A 386 -14.18 -9.49 -38.34
N ALA A 387 -14.02 -10.81 -38.43
CA ALA A 387 -13.39 -11.43 -39.61
C ALA A 387 -14.20 -11.11 -40.88
N ALA A 388 -15.54 -11.04 -40.75
CA ALA A 388 -16.40 -10.64 -41.86
C ALA A 388 -16.16 -9.18 -42.24
N VAL A 389 -16.00 -8.30 -41.24
CA VAL A 389 -15.71 -6.89 -41.44
C VAL A 389 -14.37 -6.73 -42.17
N LEU A 390 -13.42 -7.63 -41.89
CA LEU A 390 -12.06 -7.62 -42.51
C LEU A 390 -12.07 -8.21 -43.94
N GLY A 391 -13.19 -8.84 -44.33
CA GLY A 391 -13.36 -9.40 -45.68
C GLY A 391 -12.83 -10.82 -45.80
N TRP A 392 -12.52 -11.46 -44.67
CA TRP A 392 -11.89 -12.79 -44.61
C TRP A 392 -12.86 -13.91 -45.00
N THR A 393 -14.15 -13.72 -44.71
CA THR A 393 -15.17 -14.75 -44.85
C THR A 393 -16.44 -14.14 -45.47
N ALA A 394 -17.41 -15.01 -45.76
CA ALA A 394 -18.71 -14.61 -46.28
C ALA A 394 -19.76 -14.57 -45.15
N ASP A 395 -19.30 -14.65 -43.89
CA ASP A 395 -20.19 -14.55 -42.72
C ASP A 395 -20.88 -13.19 -42.73
N ASN A 396 -22.12 -13.14 -42.22
CA ASN A 396 -22.86 -11.89 -42.06
C ASN A 396 -22.44 -11.23 -40.74
N ALA A 397 -21.73 -10.10 -40.83
CA ALA A 397 -21.11 -9.44 -39.66
C ALA A 397 -22.18 -9.01 -38.65
N LYS A 398 -23.29 -8.45 -39.15
CA LYS A 398 -24.35 -7.94 -38.28
C LYS A 398 -24.98 -9.10 -37.49
N ASP A 399 -25.21 -10.23 -38.17
CA ASP A 399 -25.84 -11.41 -37.55
C ASP A 399 -24.97 -11.94 -36.40
N PHE A 400 -23.66 -12.05 -36.65
CA PHE A 400 -22.73 -12.58 -35.66
C PHE A 400 -22.56 -11.57 -34.51
N TYR A 401 -22.55 -10.28 -34.84
CA TYR A 401 -22.49 -9.21 -33.84
C TYR A 401 -23.65 -9.35 -32.85
N GLU A 402 -24.88 -9.42 -33.38
CA GLU A 402 -26.08 -9.48 -32.55
C GLU A 402 -26.12 -10.79 -31.76
N SER A 403 -25.72 -11.91 -32.38
CA SER A 403 -25.65 -13.22 -31.71
C SER A 403 -24.66 -13.15 -30.54
N GLY A 404 -23.54 -12.44 -30.73
CA GLY A 404 -22.54 -12.24 -29.70
C GLY A 404 -23.10 -11.53 -28.47
N ILE A 405 -23.84 -10.44 -28.71
CA ILE A 405 -24.44 -9.67 -27.62
C ILE A 405 -25.47 -10.54 -26.89
N ARG A 406 -26.33 -11.22 -27.65
CA ARG A 406 -27.35 -12.08 -27.06
C ARG A 406 -26.68 -13.13 -26.17
N ALA A 407 -25.58 -13.73 -26.65
CA ALA A 407 -24.87 -14.77 -25.91
C ALA A 407 -24.20 -14.18 -24.66
N ALA A 408 -23.62 -12.97 -24.78
CA ALA A 408 -22.95 -12.32 -23.65
C ALA A 408 -23.96 -12.03 -22.52
N MET A 409 -25.20 -11.72 -22.91
CA MET A 409 -26.25 -11.47 -21.94
C MET A 409 -26.78 -12.78 -21.35
N ASP A 410 -26.86 -13.83 -22.18
CA ASP A 410 -27.25 -15.17 -21.71
C ASP A 410 -26.27 -15.67 -20.64
N LEU A 411 -24.98 -15.36 -20.84
CA LEU A 411 -23.87 -15.79 -19.98
C LEU A 411 -24.15 -15.43 -18.51
N LEU A 412 -24.66 -14.22 -18.28
CA LEU A 412 -24.83 -13.70 -16.92
C LEU A 412 -25.90 -14.54 -16.19
N ALA A 413 -26.93 -14.97 -16.93
CA ALA A 413 -27.99 -15.79 -16.37
C ALA A 413 -27.52 -17.24 -16.18
N THR A 414 -26.77 -17.78 -17.16
CA THR A 414 -26.37 -19.18 -17.13
C THR A 414 -25.39 -19.46 -15.98
N TYR A 415 -24.37 -18.62 -15.80
CA TYR A 415 -23.26 -18.95 -14.90
C TYR A 415 -23.31 -18.18 -13.58
N TYR A 416 -24.00 -17.04 -13.54
CA TYR A 416 -23.92 -16.15 -12.38
C TYR A 416 -25.28 -15.95 -11.70
N GLY A 417 -26.33 -16.59 -12.21
CA GLY A 417 -27.67 -16.55 -11.61
C GLY A 417 -28.32 -15.17 -11.71
N CYS A 418 -27.89 -14.37 -12.68
CA CYS A 418 -28.48 -13.06 -12.93
C CYS A 418 -29.86 -13.22 -13.56
N SER A 419 -30.69 -12.18 -13.37
CA SER A 419 -31.99 -12.05 -14.00
C SER A 419 -31.84 -12.14 -15.53
N VAL A 420 -32.62 -13.02 -16.16
CA VAL A 420 -32.58 -13.23 -17.62
C VAL A 420 -32.91 -11.89 -18.31
N VAL A 421 -32.07 -11.50 -19.28
CA VAL A 421 -32.36 -10.36 -20.14
C VAL A 421 -33.40 -10.78 -21.19
N THR A 422 -34.58 -10.16 -21.12
CA THR A 422 -35.74 -10.54 -21.93
C THR A 422 -35.54 -10.12 -23.40
N ASP A 423 -36.40 -10.67 -24.28
CA ASP A 423 -36.41 -10.32 -25.69
C ASP A 423 -36.69 -8.82 -25.86
N ALA A 424 -37.60 -8.28 -25.04
CA ALA A 424 -37.94 -6.85 -25.07
C ALA A 424 -36.72 -6.00 -24.68
N GLU A 425 -36.04 -6.39 -23.59
CA GLU A 425 -34.85 -5.66 -23.11
C GLU A 425 -33.76 -5.69 -24.19
N PHE A 426 -33.58 -6.84 -24.84
CA PHE A 426 -32.52 -7.02 -25.84
C PHE A 426 -32.81 -6.13 -27.06
N ALA A 427 -34.06 -6.18 -27.56
CA ALA A 427 -34.48 -5.39 -28.71
C ALA A 427 -34.27 -3.89 -28.45
N ALA A 428 -34.64 -3.42 -27.25
CA ALA A 428 -34.46 -2.02 -26.88
C ALA A 428 -32.96 -1.65 -26.92
N TYR A 429 -32.12 -2.56 -26.44
CA TYR A 429 -30.68 -2.30 -26.36
C TYR A 429 -30.07 -2.19 -27.76
N ILE A 430 -30.41 -3.11 -28.68
CA ILE A 430 -29.80 -3.10 -30.01
C ILE A 430 -30.37 -1.94 -30.84
N ALA A 431 -31.47 -1.32 -30.40
CA ALA A 431 -32.01 -0.10 -31.05
C ALA A 431 -31.25 1.16 -30.60
N GLU A 432 -30.48 1.08 -29.52
CA GLU A 432 -29.66 2.21 -29.06
C GLU A 432 -28.73 2.64 -30.20
N THR A 433 -28.59 3.95 -30.37
CA THR A 433 -27.83 4.55 -31.46
C THR A 433 -26.38 4.06 -31.47
N SER A 434 -25.77 3.93 -30.30
CA SER A 434 -24.37 3.51 -30.19
C SER A 434 -24.22 2.01 -30.52
N VAL A 435 -25.29 1.22 -30.35
CA VAL A 435 -25.22 -0.25 -30.41
C VAL A 435 -25.63 -0.74 -31.80
N ALA A 436 -26.68 -0.16 -32.38
CA ALA A 436 -27.19 -0.60 -33.69
C ALA A 436 -26.01 -0.68 -34.68
N PHE A 437 -25.82 -1.85 -35.29
CA PHE A 437 -24.63 -2.11 -36.09
C PHE A 437 -24.52 -1.03 -37.17
N GLY A 438 -23.36 -0.36 -37.23
CA GLY A 438 -23.11 0.73 -38.18
C GLY A 438 -22.92 0.21 -39.61
N ALA A 439 -22.71 1.13 -40.56
CA ALA A 439 -22.54 0.79 -41.98
C ALA A 439 -21.07 0.94 -42.42
N VAL A 440 -20.23 1.53 -41.56
CA VAL A 440 -18.82 1.80 -41.87
C VAL A 440 -17.96 0.83 -41.04
N ALA A 441 -17.02 0.16 -41.72
CA ALA A 441 -16.27 -0.96 -41.14
C ALA A 441 -15.53 -0.52 -39.86
N GLU A 442 -14.97 0.70 -39.86
CA GLU A 442 -14.20 1.17 -38.70
C GLU A 442 -15.11 1.26 -37.47
N GLN A 443 -16.33 1.82 -37.63
CA GLN A 443 -17.30 1.87 -36.52
C GLN A 443 -17.69 0.45 -36.12
N GLN A 444 -17.91 -0.42 -37.11
CA GLN A 444 -18.30 -1.81 -36.85
C GLN A 444 -17.26 -2.50 -35.96
N LYS A 445 -15.98 -2.30 -36.28
CA LYS A 445 -14.87 -2.86 -35.49
C LYS A 445 -14.94 -2.33 -34.05
N SER A 446 -15.23 -1.04 -33.91
CA SER A 446 -15.37 -0.40 -32.61
C SER A 446 -16.50 -1.03 -31.80
N GLN A 447 -17.66 -1.23 -32.47
CA GLN A 447 -18.85 -1.80 -31.83
C GLN A 447 -18.57 -3.23 -31.39
N ILE A 448 -17.99 -4.05 -32.27
CA ILE A 448 -17.72 -5.45 -31.97
C ILE A 448 -16.81 -5.55 -30.73
N ASN A 449 -15.74 -4.76 -30.71
CA ASN A 449 -14.70 -4.91 -29.69
C ASN A 449 -15.12 -4.23 -28.39
N THR A 450 -16.01 -3.23 -28.47
CA THR A 450 -16.61 -2.65 -27.27
C THR A 450 -17.51 -3.70 -26.59
N GLN A 451 -18.31 -4.41 -27.40
CA GLN A 451 -19.16 -5.46 -26.88
C GLN A 451 -18.31 -6.59 -26.30
N ALA A 452 -17.19 -6.93 -26.96
CA ALA A 452 -16.26 -7.96 -26.48
C ALA A 452 -15.69 -7.57 -25.10
N TRP A 453 -15.36 -6.29 -24.95
CA TRP A 453 -14.78 -5.73 -23.73
C TRP A 453 -15.74 -5.90 -22.54
N ILE A 454 -17.05 -5.71 -22.78
CA ILE A 454 -18.07 -5.95 -21.76
C ILE A 454 -18.07 -7.45 -21.40
N LEU A 455 -18.10 -8.29 -22.43
CA LEU A 455 -18.10 -9.74 -22.26
C LEU A 455 -16.86 -10.18 -21.45
N HIS A 456 -15.69 -9.62 -21.79
CA HIS A 456 -14.41 -10.09 -21.24
C HIS A 456 -14.16 -9.54 -19.81
N PHE A 457 -15.08 -8.76 -19.25
CA PHE A 457 -14.96 -8.37 -17.85
C PHE A 457 -14.62 -9.61 -17.00
N HIS A 458 -15.31 -10.72 -17.28
CA HIS A 458 -15.21 -11.95 -16.48
C HIS A 458 -13.86 -12.67 -16.71
N ASN A 459 -13.18 -12.32 -17.81
CA ASN A 459 -11.98 -13.02 -18.32
C ASN A 459 -10.87 -11.99 -18.50
N PRO A 460 -10.27 -11.47 -17.40
CA PRO A 460 -9.41 -10.29 -17.48
C PRO A 460 -8.22 -10.38 -18.44
N ALA A 461 -7.57 -11.55 -18.51
CA ALA A 461 -6.43 -11.72 -19.39
C ALA A 461 -6.85 -11.49 -20.86
N GLU A 462 -8.05 -11.98 -21.24
CA GLU A 462 -8.50 -11.79 -22.62
C GLU A 462 -8.96 -10.34 -22.81
N ALA A 463 -9.60 -9.75 -21.81
CA ALA A 463 -10.01 -8.34 -21.88
C ALA A 463 -8.81 -7.49 -22.26
N TRP A 464 -7.68 -7.71 -21.57
CA TRP A 464 -6.50 -6.89 -21.75
C TRP A 464 -5.80 -7.20 -23.09
N ALA A 465 -5.70 -8.49 -23.43
CA ALA A 465 -5.08 -8.89 -24.70
C ALA A 465 -5.86 -8.26 -25.86
N ASN A 466 -7.19 -8.39 -25.84
CA ASN A 466 -8.03 -7.95 -26.94
C ASN A 466 -8.06 -6.41 -27.03
N VAL A 467 -8.11 -5.70 -25.90
CA VAL A 467 -8.16 -4.24 -25.99
C VAL A 467 -6.81 -3.71 -26.54
N ARG A 468 -5.70 -4.32 -26.13
CA ARG A 468 -4.38 -3.94 -26.65
C ARG A 468 -4.33 -4.16 -28.17
N ARG A 469 -4.91 -5.27 -28.63
CA ARG A 469 -4.86 -5.67 -30.06
C ARG A 469 -5.77 -4.73 -30.89
N ALA A 470 -7.05 -4.68 -30.51
CA ALA A 470 -8.10 -3.99 -31.29
C ALA A 470 -8.03 -2.47 -31.14
N ASP A 471 -7.55 -1.99 -29.98
CA ASP A 471 -7.50 -0.56 -29.60
C ASP A 471 -8.93 0.00 -29.46
N TYR A 472 -9.90 -0.90 -29.27
CA TYR A 472 -11.26 -0.55 -28.91
C TYR A 472 -11.69 -1.42 -27.73
N PRO A 473 -12.36 -0.84 -26.74
CA PRO A 473 -12.63 0.59 -26.66
C PRO A 473 -11.34 1.42 -26.55
N LYS A 474 -11.44 2.69 -26.94
CA LYS A 474 -10.32 3.60 -26.86
C LYS A 474 -10.23 4.13 -25.42
N LEU A 475 -9.25 3.63 -24.67
CA LEU A 475 -9.09 3.97 -23.26
C LEU A 475 -8.09 5.13 -23.12
N GLN A 476 -8.50 6.17 -22.39
CA GLN A 476 -7.64 7.31 -22.11
C GLN A 476 -6.91 7.05 -20.80
N ALA A 477 -5.60 7.31 -20.80
CA ALA A 477 -4.76 7.09 -19.63
C ALA A 477 -5.23 7.99 -18.50
N PRO A 478 -5.02 7.59 -17.23
CA PRO A 478 -5.39 8.43 -16.08
C PRO A 478 -4.88 9.87 -16.19
N ASN A 479 -5.77 10.81 -15.87
CA ASN A 479 -5.45 12.22 -15.83
C ASN A 479 -6.05 12.80 -14.53
N THR A 480 -5.31 12.65 -13.43
CA THR A 480 -5.79 13.05 -12.10
C THR A 480 -4.65 13.72 -11.32
N LYS A 481 -4.99 14.19 -10.12
CA LYS A 481 -4.05 14.83 -9.21
C LYS A 481 -3.07 13.79 -8.64
N ASN A 482 -3.41 12.50 -8.73
CA ASN A 482 -2.53 11.43 -8.28
C ASN A 482 -1.37 11.29 -9.25
N PRO A 483 -0.11 11.19 -8.78
CA PRO A 483 1.03 11.04 -9.68
C PRO A 483 1.04 9.66 -10.36
N LEU A 484 1.46 9.65 -11.63
CA LEU A 484 1.78 8.43 -12.34
C LEU A 484 3.28 8.16 -12.15
N ILE A 485 3.62 6.95 -11.67
CA ILE A 485 4.96 6.66 -11.18
C ILE A 485 5.89 6.33 -12.35
N ASP A 486 5.44 5.44 -13.24
CA ASP A 486 6.31 4.89 -14.30
C ASP A 486 5.67 5.09 -15.67
N GLY A 487 5.40 6.35 -16.01
CA GLY A 487 5.02 6.76 -17.36
C GLY A 487 3.56 7.12 -17.49
N ALA A 488 3.27 7.93 -18.51
CA ALA A 488 1.97 8.58 -18.71
C ALA A 488 0.96 7.62 -19.35
N ASP A 489 1.43 6.76 -20.26
CA ASP A 489 0.55 5.88 -21.05
C ASP A 489 0.25 4.59 -20.27
N ILE A 490 -0.93 4.01 -20.54
CA ILE A 490 -1.32 2.75 -19.94
C ILE A 490 -0.33 1.68 -20.41
N PRO A 491 0.34 0.95 -19.48
CA PRO A 491 1.25 -0.13 -19.86
C PRO A 491 0.63 -1.15 -20.83
N VAL A 492 1.47 -1.72 -21.69
CA VAL A 492 1.02 -2.65 -22.74
C VAL A 492 1.64 -4.04 -22.55
N ARG A 493 2.36 -4.23 -21.44
CA ARG A 493 2.89 -5.53 -21.04
C ARG A 493 3.23 -5.49 -19.53
N LEU A 494 3.60 -6.64 -18.98
CA LEU A 494 4.25 -6.72 -17.67
C LEU A 494 5.76 -6.92 -17.89
N CYS A 495 6.56 -6.37 -16.97
CA CYS A 495 8.00 -6.50 -17.01
C CYS A 495 8.40 -7.92 -16.57
N TYR A 496 9.51 -8.41 -17.12
CA TYR A 496 10.12 -9.65 -16.68
C TYR A 496 10.50 -9.51 -15.20
N PRO A 497 10.42 -10.59 -14.39
CA PRO A 497 11.00 -10.58 -13.04
C PRO A 497 12.46 -10.13 -13.09
N ILE A 498 12.85 -9.27 -12.13
CA ILE A 498 14.19 -8.70 -12.04
C ILE A 498 15.21 -9.83 -11.82
N LYS A 499 14.82 -10.88 -11.10
CA LYS A 499 15.70 -11.98 -10.74
C LYS A 499 16.17 -12.74 -12.00
N GLU A 500 15.44 -12.61 -13.11
CA GLU A 500 15.81 -13.24 -14.39
C GLU A 500 17.11 -12.63 -14.94
N GLU A 501 17.44 -11.40 -14.53
CA GLU A 501 18.72 -10.76 -14.87
C GLU A 501 19.88 -11.56 -14.25
N THR A 502 19.70 -12.00 -13.00
CA THR A 502 20.70 -12.78 -12.25
C THR A 502 20.26 -14.24 -12.15
N TYR A 503 19.90 -14.83 -13.29
CA TYR A 503 19.45 -16.22 -13.35
C TYR A 503 19.43 -16.73 -14.80
N SER A 504 18.94 -15.90 -15.72
CA SER A 504 18.98 -16.15 -17.16
C SER A 504 19.56 -14.93 -17.87
N LYS A 505 20.76 -14.52 -17.44
CA LYS A 505 21.40 -13.26 -17.84
C LYS A 505 21.32 -13.07 -19.36
N ASP A 506 21.75 -14.07 -20.11
CA ASP A 506 21.85 -13.97 -21.57
C ASP A 506 20.45 -13.93 -22.19
N ALA A 507 19.60 -14.88 -21.80
CA ALA A 507 18.23 -14.98 -22.31
C ALA A 507 17.46 -13.68 -22.02
N TYR A 508 17.54 -13.22 -20.76
CA TYR A 508 16.88 -12.00 -20.30
C TYR A 508 17.35 -10.80 -21.13
N GLN A 509 18.68 -10.65 -21.27
CA GLN A 509 19.29 -9.50 -21.93
C GLN A 509 18.93 -9.50 -23.42
N GLU A 510 18.97 -10.68 -24.04
CA GLU A 510 18.62 -10.87 -25.45
C GLU A 510 17.17 -10.41 -25.68
N ALA A 511 16.25 -10.84 -24.81
CA ALA A 511 14.83 -10.53 -24.94
C ALA A 511 14.60 -9.02 -24.96
N LYS A 512 15.28 -8.30 -24.05
CA LYS A 512 15.16 -6.85 -23.92
C LYS A 512 15.75 -6.16 -25.16
N ASP A 513 16.85 -6.69 -25.68
CA ASP A 513 17.56 -6.14 -26.85
C ASP A 513 16.67 -6.23 -28.10
N ARG A 514 15.93 -7.34 -28.24
CA ARG A 514 15.03 -7.54 -29.40
C ARG A 514 13.92 -6.49 -29.39
N VAL A 515 13.52 -6.03 -28.20
CA VAL A 515 12.45 -5.03 -28.05
C VAL A 515 12.96 -3.67 -28.55
N GLY A 516 14.13 -3.25 -28.05
CA GLY A 516 14.73 -1.96 -28.40
C GLY A 516 14.91 -1.08 -27.18
N ASP A 517 13.86 -0.35 -26.82
CA ASP A 517 13.81 0.44 -25.59
C ASP A 517 12.86 -0.25 -24.61
N TYR A 518 13.38 -1.28 -23.93
CA TYR A 518 12.56 -2.17 -23.12
C TYR A 518 11.96 -1.40 -21.93
N SER A 519 10.64 -1.49 -21.81
CA SER A 519 9.87 -1.02 -20.67
C SER A 519 8.47 -1.66 -20.78
N TRP A 520 7.59 -1.38 -19.82
CA TRP A 520 6.23 -1.92 -19.93
C TRP A 520 5.37 -1.04 -20.86
N HIS A 521 5.98 -0.02 -21.49
CA HIS A 521 5.35 0.76 -22.57
C HIS A 521 5.72 0.20 -23.96
N ALA A 522 6.62 -0.77 -24.01
CA ALA A 522 7.04 -1.39 -25.28
C ALA A 522 6.01 -2.46 -25.69
N ARG A 523 5.36 -2.23 -26.83
CA ARG A 523 4.31 -3.11 -27.33
C ARG A 523 4.85 -4.52 -27.53
N LEU A 524 3.99 -5.51 -27.34
CA LEU A 524 4.28 -6.87 -27.71
C LEU A 524 4.28 -6.97 -29.24
N TRP A 525 4.78 -8.10 -29.75
CA TRP A 525 4.96 -8.29 -31.19
C TRP A 525 3.60 -8.23 -31.91
N TRP A 526 2.55 -8.82 -31.34
CA TRP A 526 1.23 -8.84 -32.00
C TRP A 526 0.49 -7.49 -31.85
N ASP A 527 1.00 -6.60 -31.00
CA ASP A 527 0.37 -5.30 -30.74
C ASP A 527 1.02 -4.25 -31.65
N VAL A 528 0.37 -3.99 -32.79
CA VAL A 528 0.89 -3.09 -33.82
C VAL A 528 0.31 -1.69 -33.58
N LYS A 529 1.18 -0.68 -33.54
CA LYS A 529 0.74 0.70 -33.39
C LYS A 529 -0.18 1.05 -34.56
N VAL B 5 40.43 3.42 4.98
CA VAL B 5 39.33 4.41 5.20
C VAL B 5 39.57 5.16 6.51
N ASN B 6 39.17 6.43 6.54
CA ASN B 6 39.36 7.30 7.68
C ASN B 6 38.35 6.90 8.76
N PRO B 7 38.78 6.56 9.99
CA PRO B 7 37.85 6.17 11.06
C PRO B 7 36.82 7.26 11.37
N SER B 8 37.20 8.53 11.24
CA SER B 8 36.30 9.68 11.47
C SER B 8 35.18 9.71 10.42
N SER B 9 35.46 9.22 9.20
CA SER B 9 34.47 9.16 8.12
C SER B 9 33.40 8.12 8.45
N GLN B 10 33.83 7.00 9.06
CA GLN B 10 32.92 5.94 9.47
C GLN B 10 32.05 6.43 10.63
N LEU B 11 32.65 7.13 11.60
CA LEU B 11 31.89 7.77 12.67
C LEU B 11 30.81 8.67 12.05
N SER B 12 31.25 9.50 11.10
CA SER B 12 30.43 10.51 10.46
C SER B 12 29.26 9.86 9.69
N TYR B 13 29.53 8.73 9.01
CA TYR B 13 28.50 7.98 8.30
C TYR B 13 27.42 7.50 9.28
N ALA B 14 27.85 6.86 10.37
CA ALA B 14 26.93 6.32 11.38
C ALA B 14 26.04 7.43 11.94
N GLU B 15 26.61 8.62 12.18
CA GLU B 15 25.90 9.78 12.69
C GLU B 15 24.83 10.23 11.69
N LEU B 16 25.23 10.40 10.43
CA LEU B 16 24.35 10.97 9.40
C LEU B 16 23.22 9.98 9.08
N GLN B 17 23.42 8.67 9.27
CA GLN B 17 22.42 7.66 8.92
C GLN B 17 21.14 7.83 9.75
N ILE B 18 21.26 8.28 10.99
CA ILE B 18 20.16 8.22 11.97
C ILE B 18 18.92 8.95 11.42
N TYR B 19 19.11 10.15 10.88
CA TYR B 19 18.01 10.92 10.26
C TYR B 19 18.21 11.09 8.75
N GLY B 20 19.38 10.72 8.22
CA GLY B 20 19.72 10.99 6.81
C GLY B 20 19.35 9.87 5.85
N ASP B 21 19.11 8.66 6.38
CA ASP B 21 18.90 7.47 5.55
C ASP B 21 17.40 7.27 5.29
N MET B 22 16.98 7.47 4.04
CA MET B 22 15.58 7.31 3.63
C MET B 22 15.06 5.91 3.95
N ASN B 23 15.94 4.91 3.83
CA ASN B 23 15.56 3.50 3.99
C ASN B 23 15.26 3.19 5.46
N TYR B 24 15.81 3.99 6.37
CA TYR B 24 15.61 3.80 7.80
C TYR B 24 14.39 4.59 8.28
N VAL B 25 14.35 5.89 7.99
CA VAL B 25 13.47 6.83 8.72
C VAL B 25 11.99 6.61 8.36
N ASP B 26 11.70 5.87 7.28
CA ASP B 26 10.29 5.63 6.92
C ASP B 26 9.61 4.81 8.03
N VAL B 27 10.38 4.06 8.81
CA VAL B 27 9.84 3.26 9.92
C VAL B 27 9.04 4.18 10.86
N HIS B 28 9.46 5.43 10.98
CA HIS B 28 8.82 6.40 11.87
C HIS B 28 7.49 6.88 11.29
N ARG B 29 7.45 7.12 9.98
CA ARG B 29 6.22 7.56 9.31
C ARG B 29 5.18 6.42 9.33
N LEU B 30 5.64 5.20 9.08
CA LEU B 30 4.77 4.02 8.99
C LEU B 30 4.31 3.56 10.37
N TYR B 31 5.23 3.46 11.34
CA TYR B 31 4.92 2.83 12.65
C TYR B 31 5.07 3.81 13.82
N THR B 32 6.29 4.30 14.06
CA THR B 32 6.62 4.95 15.36
C THR B 32 5.64 6.08 15.70
N TYR B 33 5.44 7.00 14.74
CA TYR B 33 4.64 8.21 14.98
C TYR B 33 3.15 7.88 15.10
N ALA B 34 2.71 6.74 14.55
CA ALA B 34 1.35 6.25 14.77
C ALA B 34 1.22 5.72 16.20
N PHE B 35 2.22 4.93 16.63
CA PHE B 35 2.24 4.33 17.97
C PHE B 35 2.30 5.41 19.05
N THR B 36 3.00 6.52 18.78
CA THR B 36 3.12 7.64 19.73
C THR B 36 1.95 8.62 19.59
N GLN B 37 1.16 8.45 18.53
CA GLN B 37 -0.03 9.26 18.22
C GLN B 37 0.33 10.75 18.06
N HIS B 38 1.51 11.02 17.47
CA HIS B 38 1.89 12.38 17.03
C HIS B 38 1.28 12.67 15.65
N LEU B 39 1.31 11.69 14.75
CA LEU B 39 0.85 11.83 13.35
C LEU B 39 -0.17 10.74 13.02
N MET B 40 -1.16 11.10 12.20
CA MET B 40 -2.20 10.17 11.73
C MET B 40 -2.95 10.83 10.56
N GLY B 41 -3.38 10.01 9.59
CA GLY B 41 -4.22 10.48 8.49
C GLY B 41 -3.58 10.25 7.13
N CYS B 42 -2.29 10.52 7.04
CA CYS B 42 -1.45 10.10 5.92
C CYS B 42 -1.66 8.59 5.71
N TRP B 43 -1.99 8.19 4.47
CA TRP B 43 -2.25 6.79 4.15
C TRP B 43 -1.16 5.89 4.75
N ASN B 44 0.11 6.29 4.56
CA ASN B 44 1.26 5.49 4.95
C ASN B 44 1.26 5.26 6.47
N THR B 45 0.90 6.31 7.23
CA THR B 45 0.91 6.25 8.69
C THR B 45 -0.26 5.38 9.18
N THR B 46 -1.46 5.68 8.68
CA THR B 46 -2.68 5.00 9.13
C THR B 46 -2.66 3.53 8.71
N ASN B 47 -2.21 3.23 7.49
CA ASN B 47 -2.30 1.88 6.92
C ASN B 47 -1.47 0.88 7.73
N TYR B 48 -0.30 1.31 8.23
CA TYR B 48 0.62 0.42 8.92
C TYR B 48 0.38 0.52 10.44
N GLY B 49 0.95 1.55 11.07
CA GLY B 49 0.87 1.73 12.52
C GLY B 49 -0.55 1.95 12.99
N GLY B 50 -1.33 2.73 12.24
CA GLY B 50 -2.70 3.09 12.60
C GLY B 50 -3.68 1.91 12.56
N GLN B 51 -3.35 0.87 11.78
CA GLN B 51 -4.20 -0.32 11.65
C GLN B 51 -3.53 -1.54 12.30
N HIS B 52 -2.46 -1.33 13.06
CA HIS B 52 -1.69 -2.41 13.69
C HIS B 52 -1.42 -3.53 12.66
N ARG B 53 -0.85 -3.13 11.53
CA ARG B 53 -0.58 -4.03 10.41
C ARG B 53 0.91 -4.41 10.42
N MET B 54 1.19 -5.67 10.77
CA MET B 54 2.53 -6.23 10.67
C MET B 54 2.90 -6.31 9.19
N ASP B 55 4.14 -5.88 8.87
CA ASP B 55 4.75 -6.03 7.56
C ASP B 55 6.23 -6.31 7.80
N ASP B 56 6.69 -7.51 7.41
CA ASP B 56 8.05 -7.98 7.71
C ASP B 56 9.08 -6.97 7.22
N ASN B 57 8.92 -6.50 5.97
CA ASN B 57 9.88 -5.59 5.36
C ASN B 57 9.94 -4.27 6.13
N GLU B 58 8.77 -3.73 6.54
CA GLU B 58 8.71 -2.41 7.17
C GLU B 58 9.19 -2.48 8.63
N MET B 59 8.85 -3.56 9.34
CA MET B 59 9.26 -3.76 10.73
C MET B 59 10.77 -4.01 10.80
N SER B 60 11.35 -4.57 9.72
CA SER B 60 12.76 -4.95 9.65
C SER B 60 13.65 -3.76 9.29
N ARG B 61 13.06 -2.58 9.02
CA ARG B 61 13.81 -1.43 8.48
C ARG B 61 14.98 -1.05 9.39
N PRO B 62 14.79 -0.83 10.72
CA PRO B 62 15.92 -0.53 11.60
C PRO B 62 17.01 -1.61 11.49
N TRP B 63 16.61 -2.88 11.61
CA TRP B 63 17.52 -4.02 11.54
C TRP B 63 18.31 -4.00 10.23
N ASN B 64 17.59 -3.88 9.11
CA ASN B 64 18.16 -4.10 7.78
C ASN B 64 19.03 -2.91 7.33
N ASN B 65 18.96 -1.79 8.06
CA ASN B 65 19.70 -0.58 7.65
C ASN B 65 20.77 -0.21 8.70
N LEU B 66 20.41 -0.25 10.00
CA LEU B 66 21.35 0.17 11.07
C LEU B 66 22.50 -0.84 11.23
N TYR B 67 22.23 -2.14 11.01
CA TYR B 67 23.28 -3.15 11.15
C TYR B 67 24.31 -3.02 10.04
N PRO B 68 23.93 -3.15 8.73
CA PRO B 68 24.93 -3.02 7.65
C PRO B 68 25.48 -1.60 7.46
N GLY B 69 24.77 -0.58 7.99
CA GLY B 69 25.21 0.81 7.93
C GLY B 69 26.03 1.21 9.16
N ALA B 70 25.35 1.86 10.12
CA ALA B 70 25.98 2.46 11.30
C ALA B 70 26.85 1.43 12.03
N MET B 71 26.26 0.28 12.39
CA MET B 71 26.92 -0.69 13.27
C MET B 71 28.16 -1.29 12.59
N ARG B 72 28.06 -1.57 11.28
CA ARG B 72 29.19 -2.11 10.52
C ARG B 72 30.33 -1.08 10.47
N ASN B 73 29.97 0.18 10.19
CA ASN B 73 30.93 1.27 10.10
C ASN B 73 31.65 1.47 11.43
N LEU B 74 30.90 1.46 12.54
CA LEU B 74 31.45 1.69 13.86
C LEU B 74 32.39 0.55 14.25
N THR B 75 31.95 -0.70 14.05
CA THR B 75 32.72 -1.88 14.44
C THR B 75 34.01 -1.98 13.62
N ASP B 76 33.93 -1.69 12.31
CA ASP B 76 35.11 -1.68 11.44
C ASP B 76 36.11 -0.63 11.94
N ALA B 77 35.62 0.57 12.28
CA ALA B 77 36.47 1.69 12.71
C ALA B 77 37.09 1.39 14.08
N ILE B 78 36.31 0.76 14.97
CA ILE B 78 36.78 0.36 16.31
C ILE B 78 37.93 -0.65 16.16
N GLU B 79 37.73 -1.67 15.32
CA GLU B 79 38.74 -2.69 15.05
C GLU B 79 40.05 -2.02 14.59
N ALA B 80 39.94 -1.00 13.73
CA ALA B 80 41.09 -0.37 13.09
C ALA B 80 41.83 0.58 14.05
N THR B 81 41.17 1.06 15.11
CA THR B 81 41.75 2.12 15.97
C THR B 81 42.08 1.62 17.39
N LYS B 82 41.67 0.40 17.74
CA LYS B 82 41.68 -0.05 19.15
C LYS B 82 43.10 -0.16 19.72
N ASP B 83 44.11 -0.40 18.86
CA ASP B 83 45.48 -0.63 19.32
C ASP B 83 46.39 0.56 19.00
N ASP B 84 45.79 1.71 18.62
CA ASP B 84 46.54 2.87 18.16
C ASP B 84 46.37 4.00 19.19
N GLY B 85 47.44 4.26 19.96
CA GLY B 85 47.47 5.28 21.01
C GLY B 85 47.15 6.67 20.51
N THR B 86 47.50 6.96 19.25
CA THR B 86 47.33 8.29 18.66
C THR B 86 45.87 8.55 18.26
N GLN B 87 45.03 7.51 18.23
CA GLN B 87 43.66 7.61 17.72
C GLN B 87 42.62 7.37 18.83
N VAL B 88 42.99 7.60 20.09
CA VAL B 88 42.11 7.26 21.23
C VAL B 88 40.82 8.10 21.19
N ASN B 89 40.88 9.31 20.65
CA ASN B 89 39.72 10.23 20.64
C ASN B 89 38.63 9.68 19.69
N VAL B 90 39.02 9.28 18.47
CA VAL B 90 38.08 8.71 17.51
C VAL B 90 37.56 7.38 18.08
N TYR B 91 38.47 6.57 18.62
CA TYR B 91 38.17 5.29 19.25
C TYR B 91 37.08 5.47 20.32
N ALA B 92 37.26 6.44 21.22
CA ALA B 92 36.31 6.68 22.31
C ALA B 92 34.94 7.08 21.75
N ALA B 93 34.92 8.01 20.80
CA ALA B 93 33.68 8.50 20.18
C ALA B 93 32.94 7.35 19.47
N LEU B 94 33.68 6.51 18.73
CA LEU B 94 33.12 5.36 18.02
C LEU B 94 32.38 4.44 19.01
N ARG B 95 33.04 4.18 20.15
CA ARG B 95 32.52 3.25 21.16
C ARG B 95 31.23 3.82 21.78
N ILE B 96 31.20 5.15 21.99
CA ILE B 96 30.05 5.84 22.56
C ILE B 96 28.88 5.76 21.56
N PHE B 97 29.17 6.01 20.29
CA PHE B 97 28.11 6.03 19.29
C PHE B 97 27.59 4.62 19.03
N ARG B 98 28.45 3.61 19.19
CA ARG B 98 28.04 2.20 19.05
C ARG B 98 27.03 1.85 20.15
N VAL B 99 27.23 2.39 21.36
CA VAL B 99 26.27 2.23 22.45
C VAL B 99 24.95 2.89 22.05
N TYR B 100 25.03 4.13 21.54
CA TYR B 100 23.83 4.88 21.17
C TYR B 100 22.98 4.06 20.18
N VAL B 101 23.61 3.52 19.14
CA VAL B 101 22.91 2.81 18.09
C VAL B 101 22.42 1.45 18.62
N GLY B 102 23.24 0.79 19.44
CA GLY B 102 22.85 -0.46 20.09
C GLY B 102 21.59 -0.31 20.92
N ALA B 103 21.50 0.81 21.66
CA ALA B 103 20.33 1.14 22.48
C ALA B 103 19.09 1.30 21.60
N LEU B 104 19.23 2.00 20.47
CA LEU B 104 18.12 2.14 19.50
C LEU B 104 17.60 0.75 19.12
N LEU B 105 18.52 -0.16 18.77
CA LEU B 105 18.16 -1.46 18.22
C LEU B 105 17.47 -2.34 19.28
N THR B 106 17.99 -2.35 20.52
CA THR B 106 17.37 -3.16 21.58
C THR B 106 15.99 -2.59 21.94
N ASP B 107 15.84 -1.26 21.87
CA ASP B 107 14.58 -0.59 22.18
C ASP B 107 13.52 -0.86 21.10
N TYR B 108 13.95 -1.35 19.92
CA TYR B 108 13.03 -1.82 18.87
C TYR B 108 12.69 -3.31 19.07
N TYR B 109 13.72 -4.14 19.28
CA TYR B 109 13.62 -5.60 19.05
C TYR B 109 13.78 -6.43 20.32
N GLY B 110 14.35 -5.85 21.39
CA GLY B 110 14.67 -6.59 22.62
C GLY B 110 16.07 -7.19 22.56
N ASP B 111 16.17 -8.50 22.77
CA ASP B 111 17.43 -9.24 22.64
C ASP B 111 17.92 -9.12 21.20
N ILE B 112 19.18 -8.71 21.00
CA ILE B 112 19.71 -8.41 19.66
C ILE B 112 21.16 -8.89 19.53
N PRO B 113 21.63 -9.17 18.30
CA PRO B 113 23.07 -9.28 18.04
C PRO B 113 23.74 -7.94 18.36
N PHE B 114 24.90 -7.98 19.03
CA PHE B 114 25.62 -6.77 19.37
C PHE B 114 27.11 -7.09 19.55
N THR B 115 27.41 -7.98 20.50
CA THR B 115 28.79 -8.37 20.82
C THR B 115 29.51 -8.87 19.56
N GLU B 116 28.80 -9.65 18.74
CA GLU B 116 29.36 -10.31 17.56
C GLU B 116 28.77 -9.72 16.26
N ALA B 117 28.16 -8.52 16.35
CA ALA B 117 27.52 -7.85 15.22
C ALA B 117 28.50 -6.91 14.53
N PRO B 128 26.05 -18.23 17.53
CA PRO B 128 26.11 -16.78 17.63
C PRO B 128 24.77 -16.21 18.11
N LYS B 129 24.56 -16.21 19.44
CA LYS B 129 23.26 -15.89 20.06
C LYS B 129 23.05 -14.37 20.07
N TYR B 130 21.80 -13.96 20.36
CA TYR B 130 21.47 -12.56 20.63
C TYR B 130 21.84 -12.23 22.07
N ASP B 131 22.36 -11.02 22.30
CA ASP B 131 22.65 -10.52 23.65
C ASP B 131 21.32 -10.17 24.34
N LYS B 132 21.19 -10.59 25.60
CA LYS B 132 19.99 -10.29 26.41
C LYS B 132 19.94 -8.79 26.67
N GLN B 133 18.73 -8.23 26.65
CA GLN B 133 18.53 -6.78 26.80
C GLN B 133 19.11 -6.31 28.15
N GLU B 134 18.93 -7.11 29.19
CA GLU B 134 19.43 -6.77 30.53
C GLU B 134 20.96 -6.62 30.50
N ASP B 135 21.63 -7.61 29.89
CA ASP B 135 23.08 -7.63 29.79
C ASP B 135 23.56 -6.41 28.99
N LEU B 136 22.80 -6.03 27.96
CA LEU B 136 23.15 -4.89 27.10
C LEU B 136 23.08 -3.59 27.92
N TYR B 137 21.97 -3.38 28.62
CA TYR B 137 21.78 -2.14 29.37
C TYR B 137 22.84 -2.01 30.47
N ARG B 138 23.19 -3.12 31.13
CA ARG B 138 24.24 -3.13 32.15
C ARG B 138 25.59 -2.77 31.50
N PHE B 139 25.83 -3.30 30.30
CA PHE B 139 27.04 -3.02 29.54
C PHE B 139 27.12 -1.54 29.15
N PHE B 140 25.98 -0.94 28.79
CA PHE B 140 25.94 0.46 28.34
C PHE B 140 26.57 1.37 29.39
N PHE B 141 26.23 1.16 30.66
CA PHE B 141 26.71 2.00 31.75
C PHE B 141 28.24 1.94 31.84
N SER B 142 28.79 0.72 31.91
CA SER B 142 30.23 0.54 32.11
C SER B 142 31.00 0.97 30.85
N GLU B 143 30.43 0.72 29.66
CA GLU B 143 31.08 1.04 28.39
C GLU B 143 31.18 2.57 28.21
N LEU B 144 30.09 3.29 28.54
CA LEU B 144 30.07 4.74 28.40
C LEU B 144 31.04 5.38 29.40
N LYS B 145 31.15 4.81 30.61
CA LYS B 145 32.09 5.29 31.62
C LYS B 145 33.53 5.13 31.10
N GLU B 146 33.84 3.92 30.63
CA GLU B 146 35.18 3.55 30.16
C GLU B 146 35.57 4.42 28.95
N ALA B 147 34.67 4.57 27.98
CA ALA B 147 34.96 5.28 26.74
C ALA B 147 35.20 6.77 27.02
N ALA B 148 34.36 7.37 27.88
CA ALA B 148 34.49 8.79 28.23
C ALA B 148 35.87 9.08 28.84
N GLY B 149 36.44 8.08 29.54
CA GLY B 149 37.75 8.21 30.18
C GLY B 149 38.93 8.00 29.23
N LEU B 150 38.67 7.58 27.98
CA LEU B 150 39.77 7.26 27.04
C LEU B 150 40.21 8.49 26.25
N PHE B 151 39.36 9.53 26.18
CA PHE B 151 39.71 10.76 25.48
C PHE B 151 40.97 11.36 26.09
N ASP B 152 41.79 11.99 25.25
CA ASP B 152 43.11 12.50 25.62
C ASP B 152 43.47 13.67 24.71
N ILE B 153 43.82 14.80 25.33
CA ILE B 153 44.31 16.01 24.63
C ILE B 153 45.58 15.67 23.82
N ASN B 154 46.37 14.71 24.29
CA ASN B 154 47.59 14.27 23.61
C ASN B 154 47.27 13.11 22.67
N ALA B 155 46.39 13.36 21.69
CA ALA B 155 46.07 12.42 20.63
C ALA B 155 45.42 13.19 19.48
N LYS B 156 45.25 12.51 18.33
CA LYS B 156 44.80 13.14 17.12
C LYS B 156 43.33 13.56 17.27
N ALA B 157 42.95 14.58 16.48
CA ALA B 157 41.61 15.14 16.46
C ALA B 157 40.64 14.16 15.78
N ILE B 158 39.36 14.28 16.14
CA ILE B 158 38.26 13.72 15.36
C ILE B 158 38.03 14.68 14.18
N THR B 159 38.31 14.21 12.96
CA THR B 159 38.46 15.10 11.78
C THR B 159 37.14 15.30 11.03
N SER B 160 36.12 14.51 11.32
CA SER B 160 34.78 14.75 10.78
C SER B 160 33.74 14.20 11.75
N ASP B 161 32.77 15.06 12.10
CA ASP B 161 31.87 14.80 13.23
C ASP B 161 30.75 15.82 13.20
N PRO B 162 29.67 15.59 12.42
CA PRO B 162 28.54 16.50 12.40
C PRO B 162 27.75 16.64 13.72
N LEU B 163 28.09 15.84 14.75
CA LEU B 163 27.43 15.92 16.06
C LEU B 163 28.07 17.03 16.91
N PHE B 164 29.38 16.91 17.18
CA PHE B 164 30.07 17.85 18.09
C PHE B 164 31.28 18.53 17.43
N GLY B 165 31.56 18.26 16.15
CA GLY B 165 32.72 18.84 15.45
C GLY B 165 34.04 18.51 16.14
N GLY B 166 34.09 17.36 16.80
CA GLY B 166 35.28 16.84 17.44
C GLY B 166 35.56 17.46 18.80
N ASN B 167 34.57 18.13 19.39
CA ASN B 167 34.67 18.72 20.72
C ASN B 167 34.60 17.59 21.76
N ILE B 168 35.75 17.25 22.34
CA ILE B 168 35.92 16.11 23.25
C ILE B 168 35.08 16.32 24.52
N ALA B 169 35.05 17.55 25.03
CA ALA B 169 34.30 17.87 26.24
C ALA B 169 32.81 17.52 26.05
N GLU B 170 32.27 17.84 24.87
CA GLU B 170 30.86 17.61 24.57
C GLU B 170 30.58 16.11 24.41
N TRP B 171 31.54 15.36 23.84
CA TRP B 171 31.42 13.91 23.72
C TRP B 171 31.30 13.26 25.11
N ILE B 172 32.13 13.72 26.06
CA ILE B 172 32.12 13.20 27.43
C ILE B 172 30.75 13.47 28.06
N THR B 173 30.25 14.70 27.91
CA THR B 173 28.97 15.11 28.48
C THR B 173 27.84 14.26 27.89
N PHE B 174 27.91 14.01 26.58
CA PHE B 174 26.93 13.19 25.87
C PHE B 174 26.89 11.78 26.46
N ALA B 175 28.06 11.15 26.62
CA ALA B 175 28.14 9.79 27.16
C ALA B 175 27.52 9.74 28.57
N ASN B 176 27.86 10.72 29.40
CA ASN B 176 27.34 10.84 30.77
C ASN B 176 25.81 10.97 30.76
N SER B 177 25.30 11.77 29.83
CA SER B 177 23.87 12.08 29.72
C SER B 177 23.07 10.86 29.23
N LEU B 178 23.64 10.09 28.29
CA LEU B 178 23.01 8.83 27.84
C LEU B 178 22.81 7.87 29.02
N ARG B 179 23.80 7.80 29.92
CA ARG B 179 23.69 6.97 31.12
C ARG B 179 22.47 7.43 31.95
N LEU B 180 22.22 8.74 31.96
CA LEU B 180 21.09 9.32 32.69
C LEU B 180 19.77 8.79 32.08
N ARG B 181 19.70 8.79 30.75
CA ARG B 181 18.53 8.30 30.01
C ARG B 181 18.29 6.82 30.33
N TYR B 182 19.36 6.02 30.25
CA TYR B 182 19.25 4.56 30.38
C TYR B 182 18.90 4.20 31.84
N ALA B 183 19.41 4.98 32.79
CA ALA B 183 19.10 4.80 34.21
C ALA B 183 17.59 4.91 34.43
N MET B 184 16.99 6.00 33.94
CA MET B 184 15.56 6.26 34.11
C MET B 184 14.74 5.20 33.36
N ARG B 185 15.26 4.69 32.24
CA ARG B 185 14.58 3.64 31.47
C ARG B 185 14.44 2.37 32.32
N LEU B 186 15.40 2.15 33.23
CA LEU B 186 15.46 0.96 34.07
C LEU B 186 14.79 1.20 35.44
N SER B 187 14.14 2.36 35.60
CA SER B 187 13.55 2.77 36.88
C SER B 187 12.56 1.73 37.41
N ASP B 188 11.82 1.06 36.51
CA ASP B 188 10.80 0.08 36.93
C ASP B 188 11.43 -1.31 37.10
N VAL B 189 12.24 -1.74 36.13
CA VAL B 189 12.69 -3.14 36.07
C VAL B 189 13.79 -3.41 37.12
N LEU B 190 14.73 -2.47 37.30
CA LEU B 190 15.83 -2.59 38.29
C LEU B 190 15.96 -1.27 39.06
N PRO B 191 15.02 -0.96 39.98
CA PRO B 191 15.02 0.34 40.67
C PRO B 191 16.36 0.71 41.35
N ASP B 192 17.02 -0.28 41.95
CA ASP B 192 18.22 -0.05 42.77
C ASP B 192 19.40 0.33 41.86
N LEU B 193 19.60 -0.45 40.79
CA LEU B 193 20.64 -0.14 39.79
C LEU B 193 20.37 1.23 39.16
N ALA B 194 19.09 1.48 38.85
CA ALA B 194 18.66 2.70 38.17
C ALA B 194 19.09 3.94 38.97
N LYS B 195 18.74 3.97 40.26
CA LYS B 195 19.08 5.08 41.16
C LYS B 195 20.61 5.27 41.17
N THR B 196 21.34 4.17 41.41
CA THR B 196 22.81 4.16 41.51
C THR B 196 23.44 4.81 40.27
N GLU B 197 23.01 4.36 39.08
CA GLU B 197 23.61 4.81 37.81
C GLU B 197 23.20 6.26 37.50
N PHE B 198 21.99 6.65 37.93
CA PHE B 198 21.48 8.01 37.70
C PHE B 198 22.32 9.00 38.51
N VAL B 199 22.56 8.67 39.78
CA VAL B 199 23.33 9.51 40.71
C VAL B 199 24.77 9.63 40.18
N ALA B 200 25.37 8.50 39.80
CA ALA B 200 26.75 8.47 39.27
C ALA B 200 26.87 9.35 38.02
N ALA B 201 25.85 9.34 37.15
CA ALA B 201 25.85 10.13 35.91
C ALA B 201 25.86 11.64 36.23
N LEU B 202 24.99 12.05 37.15
CA LEU B 202 24.94 13.46 37.62
C LEU B 202 26.31 13.88 38.18
N GLU B 203 26.93 12.99 38.94
CA GLU B 203 28.23 13.24 39.56
C GLU B 203 29.29 13.54 38.50
N ASP B 204 29.29 12.73 37.43
CA ASP B 204 30.29 12.82 36.36
C ASP B 204 30.05 14.09 35.53
N GLY B 205 28.78 14.53 35.41
CA GLY B 205 28.43 15.79 34.75
C GLY B 205 27.65 15.56 33.46
N VAL B 206 26.39 16.03 33.44
CA VAL B 206 25.49 15.88 32.30
C VAL B 206 25.24 17.26 31.66
N MET B 207 24.43 17.29 30.61
CA MET B 207 24.12 18.54 29.89
C MET B 207 23.57 19.56 30.89
N VAL B 208 24.12 20.78 30.88
CA VAL B 208 23.71 21.85 31.82
C VAL B 208 23.04 22.99 31.06
N SER B 209 23.11 23.01 29.73
CA SER B 209 22.38 23.99 28.92
C SER B 209 22.24 23.46 27.48
N GLY B 210 21.55 24.25 26.65
CA GLY B 210 21.33 23.96 25.24
C GLY B 210 22.63 23.82 24.46
N THR B 211 23.67 24.50 24.92
CA THR B 211 25.01 24.43 24.34
C THR B 211 25.49 22.97 24.28
N ASP B 212 25.03 22.13 25.23
CA ASP B 212 25.48 20.74 25.34
C ASP B 212 24.60 19.79 24.52
N ASP B 213 23.56 20.29 23.84
CA ASP B 213 22.62 19.46 23.06
C ASP B 213 23.41 18.55 22.09
N ALA B 214 22.92 17.31 21.93
CA ALA B 214 23.46 16.36 20.95
C ALA B 214 22.53 16.31 19.74
N CYS B 215 22.87 17.10 18.71
CA CYS B 215 22.07 17.21 17.48
C CYS B 215 22.99 17.11 16.24
N ILE B 216 22.64 16.20 15.32
CA ILE B 216 23.39 16.00 14.07
C ILE B 216 23.06 17.16 13.12
N LYS B 217 24.10 17.78 12.56
CA LYS B 217 23.95 18.79 11.53
C LYS B 217 23.70 18.11 10.19
N HIS B 218 22.61 18.48 9.52
CA HIS B 218 22.25 18.00 8.20
C HIS B 218 22.28 19.16 7.20
N MET B 219 22.51 18.80 5.93
CA MET B 219 22.74 19.70 4.83
C MET B 219 21.42 19.96 4.09
N ASN B 220 21.30 21.17 3.52
CA ASN B 220 20.19 21.53 2.68
C ASN B 220 20.40 20.88 1.30
N VAL B 221 19.57 19.87 0.99
CA VAL B 221 19.55 19.22 -0.32
C VAL B 221 18.12 19.33 -0.88
N SER B 222 18.01 19.22 -2.21
CA SER B 222 16.72 19.27 -2.91
C SER B 222 15.85 18.12 -2.45
N TYR B 223 14.54 18.35 -2.42
CA TYR B 223 13.57 17.27 -2.42
C TYR B 223 13.84 16.42 -3.67
N SER B 224 14.27 15.18 -3.46
CA SER B 224 14.30 14.16 -4.50
C SER B 224 14.02 12.80 -3.86
N PHE B 225 13.24 11.98 -4.59
CA PHE B 225 12.89 10.62 -4.19
C PHE B 225 13.36 9.62 -5.25
N GLY B 226 14.25 10.06 -6.16
CA GLY B 226 14.92 9.17 -7.10
C GLY B 226 15.92 8.27 -6.39
N GLN B 227 16.42 7.26 -7.11
CA GLN B 227 17.33 6.25 -6.55
C GLN B 227 18.63 6.92 -6.04
N GLU B 228 19.03 8.01 -6.70
CA GLU B 228 20.21 8.82 -6.32
C GLU B 228 20.02 9.39 -4.89
N ALA B 229 18.80 9.84 -4.58
CA ALA B 229 18.49 10.45 -3.29
C ALA B 229 18.63 9.43 -2.16
N TYR B 230 18.27 8.17 -2.45
CA TYR B 230 18.24 7.08 -1.47
C TYR B 230 19.67 6.72 -0.99
N ARG B 231 20.68 7.01 -1.83
CA ARG B 231 22.09 6.77 -1.48
C ARG B 231 22.63 7.92 -0.62
N ASP B 232 21.97 9.08 -0.66
CA ASP B 232 22.47 10.32 -0.04
C ASP B 232 21.93 10.42 1.39
N ILE B 233 22.83 10.63 2.37
CA ILE B 233 22.44 10.75 3.79
C ILE B 233 22.83 12.13 4.34
N ARG B 234 23.18 13.07 3.46
CA ARG B 234 23.66 14.39 3.87
C ARG B 234 22.51 15.21 4.46
N GLY B 235 21.34 15.15 3.81
CA GLY B 235 20.15 15.87 4.23
C GLY B 235 19.29 15.06 5.17
N ASN B 236 18.45 15.74 5.95
CA ASN B 236 17.51 15.12 6.87
C ASN B 236 16.38 14.48 6.05
N ALA B 237 16.38 13.14 6.01
CA ALA B 237 15.40 12.37 5.25
C ALA B 237 14.06 12.29 6.00
N MET B 238 14.09 12.36 7.34
CA MET B 238 12.84 12.34 8.11
C MET B 238 11.99 13.56 7.67
N ALA B 239 12.63 14.73 7.63
CA ALA B 239 11.99 15.98 7.19
C ALA B 239 11.44 15.82 5.76
N LYS B 240 12.23 15.18 4.90
CA LYS B 240 11.83 14.98 3.52
C LYS B 240 10.58 14.11 3.44
N TYR B 241 10.50 13.07 4.27
CA TYR B 241 9.33 12.20 4.33
C TYR B 241 8.12 12.96 4.91
N PHE B 242 8.36 13.86 5.87
CA PHE B 242 7.27 14.69 6.39
C PHE B 242 6.66 15.52 5.26
N TYR B 243 7.52 16.05 4.37
CA TYR B 243 7.06 16.79 3.21
C TYR B 243 6.35 15.84 2.24
N GLY B 244 7.04 14.75 1.86
CA GLY B 244 6.42 13.59 1.24
C GLY B 244 6.75 13.44 -0.24
N ASN B 245 6.55 12.20 -0.73
CA ASN B 245 6.66 11.82 -2.15
C ASN B 245 5.53 12.47 -2.95
N ASP B 246 4.40 12.69 -2.27
CA ASP B 246 3.16 13.13 -2.87
C ASP B 246 2.55 14.22 -1.98
N PRO B 247 3.20 15.40 -1.91
CA PRO B 247 2.86 16.42 -0.91
C PRO B 247 1.43 16.97 -1.03
N ALA B 248 0.88 16.99 -2.24
CA ALA B 248 -0.44 17.59 -2.53
C ALA B 248 -1.58 16.69 -2.04
N ASN B 249 -1.34 15.37 -1.97
CA ASN B 249 -2.37 14.39 -1.60
C ASN B 249 -2.09 13.77 -0.23
N ASN B 250 -0.81 13.67 0.16
CA ASN B 250 -0.45 12.95 1.38
C ASN B 250 0.57 13.77 2.19
N PRO B 251 0.13 14.89 2.80
CA PRO B 251 0.96 15.65 3.73
C PRO B 251 0.96 14.99 5.11
N SER B 252 1.77 15.53 6.01
CA SER B 252 1.83 15.07 7.40
C SER B 252 0.70 15.75 8.19
N TYR B 253 -0.40 15.02 8.39
CA TYR B 253 -1.49 15.47 9.26
C TYR B 253 -1.17 15.08 10.71
N LEU B 254 -1.46 16.01 11.64
CA LEU B 254 -1.35 15.79 13.10
C LEU B 254 -2.42 14.77 13.54
N CYS B 255 -2.04 13.87 14.45
CA CYS B 255 -2.99 13.02 15.14
C CYS B 255 -3.76 13.86 16.16
N GLN B 256 -5.04 13.57 16.33
CA GLN B 256 -5.92 14.22 17.31
C GLN B 256 -5.21 14.33 18.66
N THR B 257 -4.58 13.24 19.11
CA THR B 257 -3.98 13.14 20.43
C THR B 257 -3.00 14.30 20.67
N PHE B 258 -2.14 14.55 19.67
CA PHE B 258 -1.08 15.56 19.75
C PHE B 258 -1.67 16.96 19.56
N TRP B 259 -2.55 17.12 18.56
CA TRP B 259 -3.20 18.40 18.33
C TRP B 259 -3.94 18.88 19.59
N GLU B 260 -4.66 17.97 20.25
CA GLU B 260 -5.49 18.35 21.41
C GLU B 260 -4.61 18.65 22.63
N GLN B 261 -3.53 17.90 22.84
CA GLN B 261 -2.60 18.19 23.92
C GLN B 261 -2.12 19.64 23.80
N LEU B 262 -1.85 20.08 22.57
CA LEU B 262 -1.40 21.44 22.30
C LEU B 262 -2.58 22.42 22.45
N TYR B 263 -3.62 22.23 21.64
CA TYR B 263 -4.70 23.22 21.45
C TYR B 263 -5.51 23.44 22.74
N LYS B 264 -5.91 22.35 23.40
CA LYS B 264 -6.85 22.41 24.54
C LYS B 264 -6.16 22.98 25.78
N ASN B 265 -4.82 22.96 25.80
CA ASN B 265 -4.04 23.46 26.94
C ASN B 265 -3.40 24.82 26.58
N ASN B 266 -3.85 25.44 25.48
CA ASN B 266 -3.41 26.77 25.06
C ASN B 266 -1.90 26.82 24.97
N ASP B 267 -1.31 25.74 24.44
CA ASP B 267 0.14 25.62 24.33
C ASP B 267 0.61 26.61 23.27
N PRO B 268 1.56 27.52 23.59
CA PRO B 268 2.07 28.47 22.59
C PRO B 268 2.80 27.78 21.43
N ARG B 269 3.16 26.50 21.60
CA ARG B 269 3.75 25.69 20.53
C ARG B 269 2.69 25.26 19.51
N THR B 270 1.39 25.44 19.81
CA THR B 270 0.31 25.01 18.93
C THR B 270 0.56 25.51 17.51
N THR B 271 0.79 26.82 17.34
CA THR B 271 0.91 27.44 16.02
C THR B 271 2.38 27.52 15.56
N ARG B 272 3.30 26.99 16.37
CA ARG B 272 4.68 26.80 15.92
C ARG B 272 4.82 25.43 15.23
N LEU B 273 4.21 24.41 15.84
CA LEU B 273 4.29 23.02 15.38
C LEU B 273 3.27 22.76 14.27
N CYS B 274 2.09 23.38 14.38
CA CYS B 274 0.93 23.07 13.54
C CYS B 274 0.53 24.27 12.69
N ARG B 275 0.10 24.02 11.46
CA ARG B 275 -0.51 25.04 10.60
C ARG B 275 -1.70 24.42 9.86
N PHE B 276 -2.60 25.29 9.38
CA PHE B 276 -3.65 24.93 8.45
C PHE B 276 -3.25 25.49 7.08
N TYR B 277 -3.14 24.60 6.08
CA TYR B 277 -2.61 24.91 4.77
C TYR B 277 -3.60 24.46 3.68
N ILE B 278 -3.85 25.35 2.71
CA ILE B 278 -4.52 24.96 1.47
C ILE B 278 -3.41 24.73 0.43
N ASP B 279 -3.34 23.51 -0.10
CA ASP B 279 -2.16 23.01 -0.82
C ASP B 279 -2.42 22.86 -2.32
N ASP B 280 -3.59 23.31 -2.80
CA ASP B 280 -4.03 23.07 -4.20
C ASP B 280 -3.08 23.70 -5.22
N PHE B 281 -2.42 24.82 -4.87
CA PHE B 281 -1.65 25.62 -5.83
C PHE B 281 -0.15 25.54 -5.51
N MET B 282 0.20 24.55 -4.69
CA MET B 282 1.55 24.27 -4.24
C MET B 282 2.42 23.80 -5.42
N SER B 283 3.70 24.18 -5.38
CA SER B 283 4.73 23.61 -6.25
C SER B 283 5.23 22.29 -5.63
N ILE B 284 4.94 21.18 -6.33
CA ILE B 284 5.23 19.82 -5.88
C ILE B 284 6.73 19.66 -5.59
N SER B 285 7.58 20.25 -6.44
CA SER B 285 9.02 20.03 -6.39
C SER B 285 9.71 20.94 -5.35
N THR B 286 9.15 22.13 -5.09
CA THR B 286 9.84 23.15 -4.26
C THR B 286 9.14 23.38 -2.91
N GLY B 287 7.85 23.04 -2.80
CA GLY B 287 7.08 23.23 -1.57
C GLY B 287 6.50 24.63 -1.44
N ASP B 288 6.75 25.50 -2.42
CA ASP B 288 6.25 26.86 -2.44
C ASP B 288 4.78 26.87 -2.85
N GLY B 289 4.06 27.93 -2.48
CA GLY B 289 2.68 28.17 -2.93
C GLY B 289 1.62 27.58 -2.03
N ARG B 290 2.00 27.08 -0.85
CA ARG B 290 1.04 26.67 0.18
C ARG B 290 0.40 27.94 0.76
N ILE B 291 -0.92 27.90 0.97
CA ILE B 291 -1.63 29.04 1.53
C ILE B 291 -1.93 28.74 3.01
N ASP B 292 -1.35 29.57 3.89
CA ASP B 292 -1.47 29.45 5.33
C ASP B 292 -2.74 30.17 5.80
N VAL B 293 -3.68 29.41 6.35
CA VAL B 293 -4.98 29.92 6.84
C VAL B 293 -5.10 29.70 8.36
N THR B 294 -3.97 29.47 9.04
CA THR B 294 -3.94 29.05 10.45
C THR B 294 -4.66 30.06 11.35
N ASP B 295 -4.25 31.33 11.26
CA ASP B 295 -4.73 32.38 12.17
C ASP B 295 -6.24 32.58 12.01
N ALA B 296 -6.71 32.57 10.75
CA ALA B 296 -8.14 32.71 10.43
C ALA B 296 -8.94 31.53 10.96
N VAL B 297 -8.40 30.31 10.83
CA VAL B 297 -9.07 29.09 11.30
C VAL B 297 -9.23 29.15 12.82
N LEU B 298 -8.12 29.42 13.53
CA LEU B 298 -8.11 29.46 15.00
C LEU B 298 -9.05 30.56 15.52
N ALA B 299 -9.01 31.74 14.88
CA ALA B 299 -9.82 32.89 15.30
C ALA B 299 -11.31 32.61 15.09
N THR B 300 -11.63 31.96 13.95
CA THR B 300 -13.00 31.65 13.60
C THR B 300 -13.55 30.61 14.59
N GLN B 301 -12.74 29.59 14.91
CA GLN B 301 -13.15 28.58 15.88
C GLN B 301 -13.38 29.22 17.26
N ALA B 302 -12.50 30.14 17.66
CA ALA B 302 -12.57 30.78 19.00
C ALA B 302 -13.84 31.64 19.11
N ALA B 303 -14.20 32.32 18.02
CA ALA B 303 -15.38 33.20 17.97
C ALA B 303 -16.67 32.37 17.87
N ASN B 304 -16.53 31.11 17.44
CA ASN B 304 -17.64 30.21 17.18
C ASN B 304 -17.34 28.87 17.84
N PRO B 305 -17.26 28.80 19.19
CA PRO B 305 -16.67 27.65 19.87
C PRO B 305 -17.40 26.32 19.63
N SER B 306 -18.72 26.38 19.39
CA SER B 306 -19.57 25.20 19.24
C SER B 306 -19.64 24.74 17.78
N ALA B 307 -19.20 25.60 16.85
CA ALA B 307 -19.29 25.31 15.40
C ALA B 307 -18.18 24.34 14.98
N ASP B 308 -18.45 23.58 13.91
CA ASP B 308 -17.47 22.70 13.30
C ASP B 308 -16.57 23.52 12.38
N VAL B 309 -15.39 23.92 12.89
CA VAL B 309 -14.40 24.65 12.11
C VAL B 309 -13.17 23.75 11.90
N ILE B 310 -12.49 23.42 13.00
CA ILE B 310 -11.33 22.54 13.00
C ILE B 310 -11.82 21.10 13.05
N TYR B 311 -11.27 20.26 12.16
CA TYR B 311 -11.57 18.82 12.15
C TYR B 311 -10.29 18.06 12.53
N MET B 312 -10.47 16.89 13.15
CA MET B 312 -9.38 16.13 13.73
C MET B 312 -9.39 14.69 13.19
N ILE B 313 -8.22 14.06 13.24
CA ILE B 313 -8.02 12.70 12.78
C ILE B 313 -7.69 11.82 13.99
N ALA B 314 -8.65 10.98 14.39
CA ALA B 314 -8.50 10.09 15.54
C ALA B 314 -7.47 9.01 15.22
N PRO B 315 -6.78 8.45 16.24
CA PRO B 315 -5.92 7.29 16.03
C PRO B 315 -6.63 6.20 15.23
N GLY B 316 -6.03 5.79 14.10
CA GLY B 316 -6.52 4.69 13.30
C GLY B 316 -7.40 5.12 12.14
N GLU B 317 -7.57 6.44 11.94
CA GLU B 317 -8.35 7.00 10.83
C GLU B 317 -7.41 7.49 9.72
N PHE B 318 -7.87 7.36 8.47
CA PHE B 318 -7.30 8.09 7.33
C PHE B 318 -7.89 9.51 7.35
N SER B 319 -7.27 10.43 6.61
CA SER B 319 -7.69 11.83 6.57
C SER B 319 -9.14 11.96 6.05
N TRP B 320 -9.59 10.99 5.23
CA TRP B 320 -10.90 11.06 4.60
C TRP B 320 -12.00 10.47 5.50
N ASP B 321 -11.63 9.79 6.60
CA ASP B 321 -12.60 9.11 7.47
C ASP B 321 -13.46 10.14 8.21
N ASN B 322 -12.87 11.29 8.55
CA ASN B 322 -13.60 12.40 9.15
C ASN B 322 -13.73 13.54 8.13
N TRP B 323 -14.15 13.19 6.91
CA TRP B 323 -14.21 14.12 5.79
C TRP B 323 -14.86 15.42 6.24
N PRO B 324 -14.13 16.55 6.28
CA PRO B 324 -14.72 17.81 6.75
C PRO B 324 -15.80 18.40 5.82
N SER B 325 -16.29 19.56 6.25
CA SER B 325 -17.23 20.35 5.50
C SER B 325 -16.90 21.83 5.74
N TYR B 326 -16.92 22.63 4.66
CA TYR B 326 -16.76 24.07 4.76
C TYR B 326 -18.08 24.78 4.42
N THR B 327 -18.45 25.75 5.26
CA THR B 327 -19.49 26.74 4.96
C THR B 327 -19.05 28.11 5.51
N ASP B 328 -19.24 29.16 4.71
CA ASP B 328 -18.90 30.51 5.14
C ASP B 328 -19.68 30.85 6.41
N ILE B 329 -18.95 31.22 7.46
CA ILE B 329 -19.51 31.94 8.59
C ILE B 329 -19.33 33.44 8.28
N LEU B 330 -20.43 34.09 7.87
CA LEU B 330 -20.42 35.47 7.39
C LEU B 330 -19.76 36.37 8.44
N GLY B 331 -18.75 37.15 8.00
CA GLY B 331 -18.09 38.14 8.84
C GLY B 331 -16.84 37.61 9.54
N SER B 332 -16.61 36.28 9.45
CA SER B 332 -15.50 35.63 10.15
C SER B 332 -14.19 35.90 9.42
N PRO B 333 -13.04 35.92 10.15
CA PRO B 333 -11.73 36.01 9.51
C PRO B 333 -11.49 34.96 8.42
N LEU B 334 -12.02 33.74 8.61
CA LEU B 334 -11.82 32.66 7.63
C LEU B 334 -12.59 32.97 6.34
N ALA B 335 -13.86 33.38 6.46
CA ALA B 335 -14.67 33.77 5.30
C ALA B 335 -13.91 34.82 4.47
N THR B 336 -13.32 35.79 5.17
CA THR B 336 -12.59 36.91 4.57
C THR B 336 -11.38 36.38 3.77
N GLN B 337 -10.61 35.46 4.36
CA GLN B 337 -9.40 34.96 3.70
C GLN B 337 -9.77 34.05 2.53
N ILE B 338 -10.83 33.24 2.70
CA ILE B 338 -11.29 32.34 1.63
C ILE B 338 -11.72 33.17 0.42
N ALA B 339 -12.34 34.34 0.68
CA ALA B 339 -12.78 35.26 -0.37
C ALA B 339 -11.56 35.83 -1.12
N GLU B 340 -10.49 36.15 -0.39
CA GLU B 340 -9.24 36.64 -0.97
C GLU B 340 -8.62 35.56 -1.87
N ILE B 341 -8.68 34.31 -1.41
CA ILE B 341 -8.11 33.17 -2.16
C ILE B 341 -8.92 32.95 -3.44
N GLN B 342 -10.25 33.00 -3.33
CA GLN B 342 -11.16 32.75 -4.45
C GLN B 342 -11.02 33.85 -5.51
N ALA B 343 -10.67 35.07 -5.07
CA ALA B 343 -10.42 36.19 -5.97
C ALA B 343 -9.18 35.92 -6.82
N ALA B 344 -8.12 35.41 -6.18
CA ALA B 344 -6.84 35.11 -6.85
C ALA B 344 -6.94 33.82 -7.68
N HIS B 345 -7.77 32.87 -7.21
CA HIS B 345 -7.95 31.56 -7.85
C HIS B 345 -9.44 31.34 -8.14
N PRO B 346 -9.97 31.85 -9.28
CA PRO B 346 -11.41 31.89 -9.52
C PRO B 346 -12.13 30.53 -9.49
N ASP B 347 -11.41 29.45 -9.77
CA ASP B 347 -12.00 28.11 -9.88
C ASP B 347 -11.83 27.34 -8.57
N TYR B 348 -11.34 27.98 -7.50
CA TYR B 348 -11.11 27.29 -6.23
C TYR B 348 -12.44 27.12 -5.47
N ASN B 349 -12.74 25.86 -5.11
CA ASN B 349 -13.88 25.53 -4.27
C ASN B 349 -13.35 24.99 -2.94
N PRO B 350 -13.49 25.75 -1.83
CA PRO B 350 -12.98 25.31 -0.54
C PRO B 350 -13.71 24.09 0.04
N GLY B 351 -14.91 23.80 -0.46
CA GLY B 351 -15.71 22.66 -0.02
C GLY B 351 -15.40 21.37 -0.77
N SER B 352 -14.60 21.46 -1.83
CA SER B 352 -14.31 20.32 -2.72
C SER B 352 -13.41 19.30 -2.01
N ASN B 353 -12.28 19.77 -1.47
CA ASN B 353 -11.41 18.98 -0.60
C ASN B 353 -11.17 19.77 0.68
N PRO B 354 -12.09 19.72 1.67
CA PRO B 354 -11.97 20.53 2.88
C PRO B 354 -11.07 19.95 3.99
N ARG B 355 -10.14 19.06 3.61
CA ARG B 355 -9.21 18.46 4.57
C ARG B 355 -8.15 19.48 5.03
N TRP B 356 -8.14 20.65 4.40
CA TRP B 356 -7.31 21.79 4.84
C TRP B 356 -7.77 22.31 6.22
N LEU B 357 -8.97 21.91 6.66
CA LEU B 357 -9.48 22.24 8.00
C LEU B 357 -8.92 21.28 9.06
N MET B 358 -8.00 20.38 8.66
CA MET B 358 -7.33 19.48 9.57
C MET B 358 -5.89 19.94 9.75
N PRO B 359 -5.37 19.99 11.00
CA PRO B 359 -4.05 20.54 11.25
C PRO B 359 -2.92 19.70 10.62
N LYS B 360 -1.94 20.39 10.04
CA LYS B 360 -0.79 19.77 9.40
C LYS B 360 0.50 20.22 10.09
N LEU B 361 1.57 19.46 9.88
CA LEU B 361 2.90 19.79 10.40
C LEU B 361 3.40 21.08 9.71
N ALA B 362 3.90 22.02 10.51
CA ALA B 362 4.37 23.32 10.01
C ALA B 362 5.60 23.12 9.12
N GLY B 363 5.77 24.03 8.15
CA GLY B 363 6.83 23.98 7.14
C GLY B 363 8.22 23.97 7.75
N ASN B 364 8.37 24.54 8.95
CA ASN B 364 9.67 24.61 9.63
C ASN B 364 10.25 23.20 9.81
N PHE B 365 9.40 22.18 9.87
CA PHE B 365 9.79 20.81 10.19
C PHE B 365 9.87 19.95 8.92
N LEU B 366 9.84 20.59 7.75
CA LEU B 366 9.87 19.90 6.46
C LEU B 366 11.16 20.22 5.70
N ARG B 367 12.18 20.72 6.41
CA ARG B 367 13.37 21.26 5.80
C ARG B 367 14.52 20.25 5.93
N SER B 368 15.25 20.11 4.84
CA SER B 368 16.35 19.18 4.68
C SER B 368 17.47 19.45 5.70
N ASP B 369 17.62 20.72 6.11
CA ASP B 369 18.69 21.11 7.05
C ASP B 369 18.20 21.08 8.51
N ASN B 370 17.01 20.50 8.76
CA ASN B 370 16.56 20.24 10.13
C ASN B 370 17.58 19.33 10.80
N PRO B 371 17.87 19.53 12.11
CA PRO B 371 18.83 18.70 12.82
C PRO B 371 18.33 17.26 13.05
N GLY B 372 19.27 16.36 13.31
CA GLY B 372 18.97 15.02 13.81
C GLY B 372 19.17 14.96 15.31
N ILE B 373 18.09 15.17 16.07
CA ILE B 373 18.18 15.29 17.51
C ILE B 373 18.36 13.91 18.14
N LEU B 374 19.45 13.76 18.91
CA LEU B 374 19.75 12.51 19.63
C LEU B 374 19.34 12.65 21.10
N MET B 375 19.79 13.74 21.75
CA MET B 375 19.47 14.00 23.17
C MET B 375 19.68 15.49 23.47
N THR B 376 18.78 16.04 24.31
CA THR B 376 18.72 17.47 24.57
C THR B 376 18.81 17.76 26.07
N TYR B 377 19.26 18.98 26.39
CA TYR B 377 19.23 19.52 27.73
C TYR B 377 17.80 19.45 28.29
N ALA B 378 16.81 19.74 27.44
CA ALA B 378 15.40 19.67 27.83
C ALA B 378 15.09 18.31 28.47
N GLU B 379 15.51 17.23 27.79
CA GLU B 379 15.27 15.86 28.29
C GLU B 379 15.96 15.66 29.64
N VAL B 380 17.21 16.11 29.75
CA VAL B 380 17.99 16.00 31.01
C VAL B 380 17.18 16.63 32.15
N CYS B 381 16.61 17.82 31.91
CA CYS B 381 15.75 18.49 32.89
C CYS B 381 14.62 17.55 33.33
N PHE B 382 13.88 16.98 32.37
CA PHE B 382 12.71 16.14 32.67
C PHE B 382 13.14 14.88 33.43
N LEU B 383 14.30 14.32 33.08
CA LEU B 383 14.86 13.14 33.75
C LEU B 383 15.17 13.46 35.22
N ARG B 384 15.78 14.63 35.46
CA ARG B 384 16.16 15.06 36.81
C ARG B 384 14.90 15.35 37.63
N ALA B 385 13.86 15.89 36.98
CA ALA B 385 12.57 16.14 37.61
C ALA B 385 11.96 14.83 38.13
N GLU B 386 11.96 13.80 37.28
CA GLU B 386 11.29 12.53 37.63
C GLU B 386 12.10 11.79 38.72
N ALA B 387 13.43 11.82 38.61
CA ALA B 387 14.32 11.23 39.61
C ALA B 387 14.08 11.89 40.98
N ALA B 388 13.83 13.20 40.98
CA ALA B 388 13.50 13.94 42.19
C ALA B 388 12.16 13.46 42.77
N VAL B 389 11.18 13.23 41.90
CA VAL B 389 9.87 12.71 42.32
C VAL B 389 10.05 11.30 42.89
N LEU B 390 10.96 10.51 42.32
CA LEU B 390 11.25 9.15 42.81
C LEU B 390 12.04 9.20 44.13
N GLY B 391 12.62 10.36 44.45
CA GLY B 391 13.38 10.56 45.70
C GLY B 391 14.82 10.08 45.58
N TRP B 392 15.34 10.05 44.36
CA TRP B 392 16.69 9.58 44.06
C TRP B 392 17.73 10.66 44.43
N THR B 393 17.34 11.93 44.31
CA THR B 393 18.24 13.06 44.37
C THR B 393 17.63 14.17 45.23
N ALA B 394 18.43 15.22 45.47
CA ALA B 394 17.99 16.41 46.22
C ALA B 394 17.56 17.52 45.26
N ASP B 395 17.39 17.19 43.97
CA ASP B 395 16.96 18.17 42.96
C ASP B 395 15.53 18.62 43.26
N ASN B 396 15.25 19.89 42.95
CA ASN B 396 13.92 20.47 43.04
C ASN B 396 13.13 20.07 41.79
N ALA B 397 12.16 19.16 41.96
CA ALA B 397 11.40 18.56 40.85
C ALA B 397 10.74 19.66 40.01
N LYS B 398 10.11 20.63 40.69
CA LYS B 398 9.32 21.68 40.05
C LYS B 398 10.21 22.58 39.17
N ASP B 399 11.39 22.94 39.70
CA ASP B 399 12.34 23.81 38.99
C ASP B 399 12.81 23.15 37.69
N PHE B 400 13.13 21.84 37.75
CA PHE B 400 13.68 21.13 36.60
C PHE B 400 12.57 20.87 35.58
N TYR B 401 11.36 20.57 36.06
CA TYR B 401 10.17 20.45 35.22
C TYR B 401 9.99 21.72 34.37
N GLU B 402 10.00 22.87 35.05
CA GLU B 402 9.76 24.16 34.39
C GLU B 402 10.90 24.48 33.42
N SER B 403 12.15 24.24 33.85
CA SER B 403 13.33 24.46 32.98
C SER B 403 13.23 23.59 31.73
N GLY B 404 12.73 22.36 31.91
CA GLY B 404 12.53 21.41 30.82
C GLY B 404 11.57 21.94 29.77
N ILE B 405 10.46 22.53 30.22
CA ILE B 405 9.46 23.11 29.32
C ILE B 405 10.07 24.28 28.57
N ARG B 406 10.75 25.18 29.31
CA ARG B 406 11.40 26.36 28.74
C ARG B 406 12.41 25.94 27.66
N ALA B 407 13.19 24.89 27.93
CA ALA B 407 14.21 24.40 27.01
C ALA B 407 13.56 23.74 25.78
N ALA B 408 12.46 23.03 25.99
CA ALA B 408 11.72 22.37 24.89
C ALA B 408 11.14 23.42 23.93
N MET B 409 10.75 24.57 24.49
CA MET B 409 10.21 25.67 23.70
C MET B 409 11.34 26.44 23.01
N ASP B 410 12.48 26.59 23.69
CA ASP B 410 13.69 27.23 23.10
C ASP B 410 14.15 26.45 21.88
N LEU B 411 14.05 25.12 21.95
CA LEU B 411 14.48 24.18 20.89
C LEU B 411 13.90 24.58 19.54
N LEU B 412 12.61 24.95 19.52
CA LEU B 412 11.90 25.23 18.28
C LEU B 412 12.49 26.47 17.59
N ALA B 413 12.90 27.46 18.39
CA ALA B 413 13.51 28.70 17.86
C ALA B 413 14.96 28.46 17.45
N THR B 414 15.71 27.72 18.27
CA THR B 414 17.15 27.51 18.06
C THR B 414 17.40 26.75 16.76
N TYR B 415 16.68 25.63 16.57
CA TYR B 415 17.00 24.66 15.53
C TYR B 415 16.06 24.73 14.32
N TYR B 416 14.83 25.21 14.51
CA TYR B 416 13.82 25.11 13.45
C TYR B 416 13.33 26.48 12.97
N GLY B 417 13.91 27.58 13.49
CA GLY B 417 13.58 28.93 13.06
C GLY B 417 12.16 29.35 13.42
N CYS B 418 11.54 28.68 14.40
CA CYS B 418 10.20 29.06 14.88
C CYS B 418 10.30 30.39 15.64
N SER B 419 9.18 31.12 15.73
CA SER B 419 9.15 32.37 16.49
C SER B 419 9.34 32.07 17.98
N VAL B 420 10.22 32.83 18.63
CA VAL B 420 10.56 32.67 20.04
C VAL B 420 9.28 32.72 20.88
N VAL B 421 9.12 31.74 21.76
CA VAL B 421 8.08 31.73 22.78
C VAL B 421 8.52 32.72 23.88
N THR B 422 7.73 33.78 24.07
CA THR B 422 8.07 34.89 24.97
C THR B 422 7.92 34.45 26.43
N ASP B 423 8.50 35.26 27.33
CA ASP B 423 8.36 35.05 28.77
C ASP B 423 6.87 35.09 29.15
N ALA B 424 6.12 36.02 28.55
CA ALA B 424 4.68 36.18 28.79
C ALA B 424 3.94 34.88 28.40
N GLU B 425 4.24 34.37 27.20
CA GLU B 425 3.62 33.16 26.68
C GLU B 425 3.94 31.96 27.59
N PHE B 426 5.20 31.88 28.04
CA PHE B 426 5.67 30.77 28.88
C PHE B 426 4.94 30.81 30.24
N ALA B 427 4.86 32.01 30.84
CA ALA B 427 4.24 32.21 32.16
C ALA B 427 2.77 31.78 32.12
N ALA B 428 2.04 32.21 31.08
CA ALA B 428 0.62 31.86 30.93
C ALA B 428 0.46 30.34 30.75
N TYR B 429 1.41 29.70 30.04
CA TYR B 429 1.33 28.26 29.78
C TYR B 429 1.47 27.45 31.08
N ILE B 430 2.49 27.76 31.90
CA ILE B 430 2.74 26.97 33.12
C ILE B 430 1.65 27.24 34.17
N ALA B 431 0.85 28.30 33.97
CA ALA B 431 -0.29 28.62 34.84
C ALA B 431 -1.53 27.78 34.48
N GLU B 432 -1.56 27.17 33.29
CA GLU B 432 -2.65 26.27 32.90
C GLU B 432 -2.80 25.17 33.95
N THR B 433 -4.06 24.76 34.20
CA THR B 433 -4.42 23.83 35.28
C THR B 433 -3.71 22.47 35.09
N SER B 434 -3.68 21.99 33.84
CA SER B 434 -3.11 20.67 33.54
C SER B 434 -1.57 20.69 33.62
N VAL B 435 -0.98 21.88 33.51
CA VAL B 435 0.48 22.06 33.37
C VAL B 435 1.11 22.41 34.73
N ALA B 436 0.51 23.33 35.48
CA ALA B 436 1.03 23.75 36.80
C ALA B 436 1.40 22.50 37.60
N PHE B 437 2.66 22.43 38.07
CA PHE B 437 3.22 21.21 38.67
C PHE B 437 2.37 20.80 39.87
N GLY B 438 1.88 19.55 39.85
CA GLY B 438 0.96 19.03 40.85
C GLY B 438 1.64 18.72 42.16
N ALA B 439 0.84 18.40 43.19
CA ALA B 439 1.32 18.15 44.55
C ALA B 439 1.53 16.65 44.79
N VAL B 440 0.91 15.79 43.97
CA VAL B 440 0.93 14.33 44.14
C VAL B 440 1.90 13.72 43.11
N ALA B 441 2.66 12.71 43.56
CA ALA B 441 3.79 12.12 42.80
C ALA B 441 3.34 11.57 41.45
N GLU B 442 2.21 10.83 41.44
CA GLU B 442 1.75 10.17 40.24
C GLU B 442 1.34 11.21 39.19
N GLN B 443 0.72 12.33 39.61
CA GLN B 443 0.37 13.40 38.66
C GLN B 443 1.63 14.08 38.14
N GLN B 444 2.61 14.29 39.03
CA GLN B 444 3.88 14.90 38.65
C GLN B 444 4.54 14.07 37.55
N LYS B 445 4.53 12.74 37.71
CA LYS B 445 5.09 11.81 36.73
C LYS B 445 4.35 11.97 35.39
N SER B 446 3.03 12.10 35.46
CA SER B 446 2.20 12.26 34.27
C SER B 446 2.57 13.56 33.54
N GLN B 447 2.72 14.64 34.30
CA GLN B 447 3.02 15.96 33.74
C GLN B 447 4.42 15.98 33.11
N ILE B 448 5.42 15.45 33.80
CA ILE B 448 6.80 15.45 33.30
C ILE B 448 6.85 14.70 31.96
N ASN B 449 6.25 13.50 31.93
CA ASN B 449 6.38 12.58 30.80
C ASN B 449 5.47 13.03 29.63
N THR B 450 4.41 13.77 29.93
CA THR B 450 3.57 14.39 28.90
C THR B 450 4.39 15.48 28.19
N GLN B 451 5.06 16.33 28.97
CA GLN B 451 5.92 17.38 28.42
C GLN B 451 7.08 16.76 27.62
N ALA B 452 7.61 15.62 28.08
CA ALA B 452 8.70 14.92 27.39
C ALA B 452 8.21 14.41 26.02
N TRP B 453 6.96 13.94 25.97
CA TRP B 453 6.32 13.41 24.77
C TRP B 453 6.17 14.50 23.70
N ILE B 454 5.85 15.74 24.12
CA ILE B 454 5.81 16.89 23.22
C ILE B 454 7.23 17.14 22.69
N LEU B 455 8.21 17.19 23.61
CA LEU B 455 9.61 17.40 23.25
C LEU B 455 10.08 16.33 22.26
N HIS B 456 9.73 15.06 22.53
CA HIS B 456 10.29 13.92 21.80
C HIS B 456 9.61 13.74 20.43
N PHE B 457 8.67 14.61 20.07
CA PHE B 457 8.10 14.58 18.72
C PHE B 457 9.23 14.53 17.68
N HIS B 458 10.30 15.29 17.94
CA HIS B 458 11.41 15.47 16.99
C HIS B 458 12.32 14.23 16.96
N ASN B 459 12.22 13.40 18.01
CA ASN B 459 13.11 12.29 18.28
C ASN B 459 12.26 11.03 18.45
N PRO B 460 11.66 10.50 17.34
CA PRO B 460 10.60 9.50 17.44
C PRO B 460 10.99 8.24 18.23
N ALA B 461 12.23 7.77 18.08
CA ALA B 461 12.68 6.56 18.79
C ALA B 461 12.58 6.77 20.30
N GLU B 462 12.98 7.95 20.79
CA GLU B 462 12.94 8.24 22.22
C GLU B 462 11.49 8.47 22.68
N ALA B 463 10.68 9.13 21.83
CA ALA B 463 9.25 9.31 22.10
C ALA B 463 8.61 7.96 22.44
N TRP B 464 8.89 6.95 21.61
CA TRP B 464 8.23 5.65 21.72
C TRP B 464 8.80 4.87 22.92
N ALA B 465 10.12 4.93 23.11
CA ALA B 465 10.75 4.24 24.23
C ALA B 465 10.19 4.79 25.55
N ASN B 466 10.11 6.12 25.65
CA ASN B 466 9.73 6.77 26.91
C ASN B 466 8.24 6.56 27.20
N VAL B 467 7.38 6.62 26.17
CA VAL B 467 5.95 6.42 26.42
C VAL B 467 5.71 4.97 26.85
N ARG B 468 6.43 4.01 26.26
CA ARG B 468 6.31 2.59 26.65
C ARG B 468 6.74 2.39 28.12
N ARG B 469 7.81 3.10 28.53
CA ARG B 469 8.37 2.96 29.88
C ARG B 469 7.46 3.66 30.90
N ALA B 470 7.19 4.94 30.67
CA ALA B 470 6.51 5.82 31.63
C ALA B 470 5.00 5.54 31.68
N ASP B 471 4.42 5.05 30.56
CA ASP B 471 2.97 4.85 30.39
C ASP B 471 2.22 6.19 30.43
N TYR B 472 2.94 7.30 30.20
CA TYR B 472 2.38 8.65 30.07
C TYR B 472 3.02 9.32 28.85
N PRO B 473 2.21 9.97 28.00
CA PRO B 473 0.77 10.06 28.13
C PRO B 473 0.08 8.70 27.94
N LYS B 474 -1.11 8.57 28.52
CA LYS B 474 -1.91 7.36 28.43
C LYS B 474 -2.59 7.34 27.07
N LEU B 475 -2.04 6.54 26.15
CA LEU B 475 -2.53 6.47 24.79
C LEU B 475 -3.54 5.33 24.67
N GLN B 476 -4.72 5.65 24.14
CA GLN B 476 -5.78 4.69 23.88
C GLN B 476 -5.63 4.15 22.46
N ALA B 477 -5.63 2.82 22.34
CA ALA B 477 -5.48 2.12 21.07
C ALA B 477 -6.58 2.58 20.11
N PRO B 478 -6.32 2.59 18.78
CA PRO B 478 -7.34 2.96 17.80
C PRO B 478 -8.67 2.23 18.05
N ASN B 479 -9.76 2.98 17.92
CA ASN B 479 -11.12 2.45 18.04
C ASN B 479 -11.95 3.07 16.91
N THR B 480 -11.93 2.43 15.73
CA THR B 480 -12.59 2.94 14.53
C THR B 480 -13.20 1.78 13.73
N LYS B 481 -13.97 2.14 12.70
CA LYS B 481 -14.58 1.19 11.77
C LYS B 481 -13.50 0.44 10.95
N ASN B 482 -12.31 1.04 10.83
CA ASN B 482 -11.18 0.43 10.11
C ASN B 482 -10.70 -0.80 10.90
N PRO B 483 -10.40 -1.93 10.23
CA PRO B 483 -9.97 -3.13 10.93
C PRO B 483 -8.54 -3.02 11.44
N LEU B 484 -8.28 -3.60 12.61
CA LEU B 484 -6.95 -3.78 13.16
C LEU B 484 -6.48 -5.19 12.79
N ILE B 485 -5.33 -5.28 12.12
CA ILE B 485 -4.93 -6.51 11.46
C ILE B 485 -4.35 -7.49 12.48
N ASP B 486 -3.41 -7.02 13.32
CA ASP B 486 -2.62 -7.90 14.17
C ASP B 486 -2.72 -7.46 15.63
N GLY B 487 -3.96 -7.40 16.16
CA GLY B 487 -4.23 -7.21 17.59
C GLY B 487 -4.77 -5.83 17.91
N ALA B 488 -5.45 -5.73 19.06
CA ALA B 488 -6.23 -4.57 19.46
C ALA B 488 -5.33 -3.49 20.11
N ASP B 489 -4.31 -3.92 20.85
CA ASP B 489 -3.47 -3.03 21.66
C ASP B 489 -2.31 -2.49 20.82
N ILE B 490 -1.87 -1.26 21.15
CA ILE B 490 -0.75 -0.65 20.44
C ILE B 490 0.48 -1.51 20.65
N PRO B 491 1.15 -1.96 19.57
CA PRO B 491 2.40 -2.73 19.69
C PRO B 491 3.43 -2.04 20.60
N VAL B 492 4.22 -2.86 21.29
CA VAL B 492 5.21 -2.38 22.28
C VAL B 492 6.63 -2.79 21.84
N ARG B 493 6.75 -3.33 20.62
CA ARG B 493 8.04 -3.65 20.02
C ARG B 493 7.85 -3.87 18.51
N LEU B 494 8.96 -4.07 17.80
CA LEU B 494 8.94 -4.56 16.43
C LEU B 494 9.37 -6.02 16.41
N CYS B 495 8.77 -6.81 15.51
CA CYS B 495 9.11 -8.20 15.35
C CYS B 495 10.49 -8.34 14.70
N TYR B 496 11.21 -9.40 15.08
CA TYR B 496 12.44 -9.79 14.41
C TYR B 496 12.16 -10.07 12.94
N PRO B 497 13.08 -9.75 12.01
CA PRO B 497 12.94 -10.16 10.62
C PRO B 497 12.70 -11.67 10.51
N ILE B 498 11.71 -12.08 9.72
CA ILE B 498 11.33 -13.48 9.55
C ILE B 498 12.55 -14.29 9.08
N LYS B 499 13.42 -13.65 8.30
CA LYS B 499 14.58 -14.28 7.67
C LYS B 499 15.61 -14.72 8.74
N GLU B 500 15.56 -14.14 9.94
CA GLU B 500 16.45 -14.54 11.04
C GLU B 500 16.18 -15.99 11.46
N GLU B 501 14.95 -16.47 11.22
CA GLU B 501 14.56 -17.86 11.47
C GLU B 501 15.43 -18.80 10.64
N THR B 502 15.88 -18.36 9.46
CA THR B 502 16.77 -19.12 8.57
C THR B 502 18.23 -18.89 8.98
N TYR B 503 18.64 -17.62 9.06
CA TYR B 503 20.06 -17.23 9.18
C TYR B 503 20.62 -17.61 10.56
N SER B 504 19.78 -17.55 11.60
CA SER B 504 20.20 -17.91 12.96
C SER B 504 19.01 -18.47 13.74
N LYS B 505 18.63 -19.71 13.38
CA LYS B 505 17.39 -20.34 13.86
C LYS B 505 17.45 -20.53 15.38
N ASP B 506 18.62 -20.94 15.88
CA ASP B 506 18.79 -21.24 17.31
C ASP B 506 18.67 -19.95 18.13
N ALA B 507 19.39 -18.90 17.71
CA ALA B 507 19.38 -17.60 18.41
C ALA B 507 17.98 -16.97 18.34
N TYR B 508 17.40 -16.99 17.14
CA TYR B 508 16.06 -16.48 16.87
C TYR B 508 15.04 -17.17 17.77
N GLN B 509 15.09 -18.52 17.80
CA GLN B 509 14.15 -19.33 18.55
C GLN B 509 14.36 -19.11 20.05
N GLU B 510 15.63 -19.07 20.49
CA GLU B 510 15.98 -18.86 21.90
C GLU B 510 15.46 -17.49 22.37
N ALA B 511 15.55 -16.48 21.49
CA ALA B 511 15.08 -15.14 21.79
C ALA B 511 13.57 -15.14 22.01
N LYS B 512 12.85 -15.79 21.09
CA LYS B 512 11.38 -15.88 21.13
C LYS B 512 10.93 -16.62 22.40
N ASP B 513 11.64 -17.70 22.73
CA ASP B 513 11.30 -18.57 23.86
C ASP B 513 11.51 -17.83 25.19
N ARG B 514 12.51 -16.92 25.24
CA ARG B 514 12.82 -16.16 26.45
C ARG B 514 11.68 -15.20 26.77
N VAL B 515 10.96 -14.75 25.72
CA VAL B 515 9.83 -13.83 25.86
C VAL B 515 8.60 -14.59 26.35
N GLY B 516 8.37 -15.77 25.77
CA GLY B 516 7.22 -16.63 26.09
C GLY B 516 6.21 -16.64 24.96
N ASP B 517 5.15 -15.83 25.12
CA ASP B 517 4.10 -15.68 24.11
C ASP B 517 4.54 -14.58 23.13
N TYR B 518 5.53 -14.91 22.29
CA TYR B 518 6.20 -13.91 21.47
C TYR B 518 5.25 -13.34 20.43
N SER B 519 5.16 -12.00 20.42
CA SER B 519 4.50 -11.20 19.42
C SER B 519 4.95 -9.75 19.62
N TRP B 520 4.45 -8.83 18.79
CA TRP B 520 4.80 -7.42 19.00
C TRP B 520 3.93 -6.78 20.08
N HIS B 521 3.12 -7.61 20.78
CA HIS B 521 2.38 -7.20 21.98
C HIS B 521 3.16 -7.58 23.26
N ALA B 522 4.24 -8.36 23.12
CA ALA B 522 5.04 -8.80 24.27
C ALA B 522 6.04 -7.69 24.66
N ARG B 523 5.85 -7.14 25.85
CA ARG B 523 6.64 -6.02 26.38
C ARG B 523 8.13 -6.38 26.35
N LEU B 524 8.96 -5.36 26.14
CA LEU B 524 10.41 -5.49 26.29
C LEU B 524 10.74 -5.62 27.78
N TRP B 525 11.96 -6.04 28.08
CA TRP B 525 12.40 -6.34 29.44
C TRP B 525 12.26 -5.11 30.34
N TRP B 526 12.60 -3.90 29.83
CA TRP B 526 12.54 -2.68 30.66
C TRP B 526 11.12 -2.14 30.78
N ASP B 527 10.18 -2.70 29.99
CA ASP B 527 8.78 -2.28 29.97
C ASP B 527 7.98 -3.18 30.92
N VAL B 528 7.80 -2.70 32.15
CA VAL B 528 7.12 -3.45 33.21
C VAL B 528 5.64 -3.08 33.19
N LYS B 529 4.77 -4.10 33.22
CA LYS B 529 3.33 -3.89 33.30
C LYS B 529 3.02 -3.14 34.60
#